data_1YB9
# 
_entry.id   1YB9 
# 
_audit_conform.dict_name       mmcif_pdbx.dic 
_audit_conform.dict_version    5.376 
_audit_conform.dict_location   http://mmcif.pdb.org/dictionaries/ascii/mmcif_pdbx.dic 
# 
loop_
_database_2.database_id 
_database_2.database_code 
_database_2.pdbx_database_accession 
_database_2.pdbx_DOI 
PDB   1YB9         pdb_00001yb9 10.2210/pdb1yb9/pdb 
NDB   AD0043       ?            ?                   
RCSB  RCSB031335   ?            ?                   
WWPDB D_1000031335 ?            ?                   
# 
loop_
_pdbx_database_related.db_name 
_pdbx_database_related.db_id 
_pdbx_database_related.details 
_pdbx_database_related.content_type 
PDB 1Y7F 
;Crystal structure of the A-DNA GCGTAT*CGC with a 2'-O-[2-[hydroxy(methyleneamino)oxy]ethyl] Thymidine (T*)
;
unspecified 
PDB 1Y84 
;Crystal structure of the A-DNA GCGTAT*CGC with a 2'-O-[2-(imidazolyl)ethyl] Thymidine (T*)
;
unspecified 
PDB 1Y86 
;Crystal structure of the A-DNA GCGTAT*CGC with a 2'-O-[2-(fluoro)ethyl] Thymidine (T*)
;
unspecified 
PDB 1Y8L 
;Crystal structure of the A-DNA GCGTAT*CGC with a 2'-O-[2-(trifluoro)ethyl] Thymidine (T*)
;
unspecified 
PDB 1Y8V 
;Crystal structure of the A-DNA GCGTAT*CGC with a 2'-O-propyl Thymidine (T*)
;
unspecified 
PDB 1WV5 
;X-RAY STRUCTURE OF THE A-DECAMER GCGTATACGC WITH A SINGLE 2'-O-BUTYL  THYMINE IN PLACE OF T6, MG-FORM
;
unspecified 
PDB 1WV6 
;X-RAY STRUCTURE OF THE A-DECAMER GCGTATACGC WITH A SINGLE 2'-O-BUTYL  THYMINE IN PLACE OF T6, SR-FORM
;
unspecified 
PDB 1Y9F 
;Crystal structure of the A-DNA GCGTAT*CGC with a 2'-O-allyl Thymidine (T*)
;
unspecified 
PDB 1Y9S 
;Crystal structure of the A-DNA GCGTAT*CGC with a 2'-O-propargyl Thymidine (T*)
;
unspecified 
PDB 1YBC 
;Crystal structure of the A-DNA GCGTAT*CGC with a 2'-O-[2-(benzyloxy)ethyl] Thymidine (T*)
;
unspecified 
# 
_pdbx_database_status.status_code                     REL 
_pdbx_database_status.entry_id                        1YB9 
_pdbx_database_status.recvd_initial_deposition_date   2004-12-20 
_pdbx_database_status.deposit_site                    RCSB 
_pdbx_database_status.process_site                    RCSB 
_pdbx_database_status.status_code_sf                  REL 
_pdbx_database_status.status_code_mr                  ? 
_pdbx_database_status.SG_entry                        ? 
_pdbx_database_status.pdb_format_compatible           Y 
_pdbx_database_status.status_code_cs                  ? 
_pdbx_database_status.status_code_nmr_data            ? 
_pdbx_database_status.methods_development_category    ? 
# 
loop_
_audit_author.name 
_audit_author.pdbx_ordinal 
'Egli, M.'      1  
'Minasov, G.'   2  
'Tereshko, V.'  3  
'Pallan, P.S.'  4  
'Teplova, M.'   5  
'Inamati, G.B.' 6  
'Lesnik, E.A.'  7  
'Owens, S.R.'   8  
'Ross, B.S.'    9  
'Prakash, T.P.' 10 
'Manoharan, M.' 11 
# 
_citation.id                        primary 
_citation.title                     
;Probing the Influence of Stereoelectronic Effects on the Biophysical Properties of Oligonucleotides: Comprehensive Analysis of the RNA Affinity, Nuclease Resistance, and Crystal Structure of Ten 2'-O-Ribonucleic Acid Modifications.
;
_citation.journal_abbrev            Biochemistry 
_citation.journal_volume            44 
_citation.page_first                9045 
_citation.page_last                 9057 
_citation.year                      2005 
_citation.journal_id_ASTM           BICHAW 
_citation.country                   US 
_citation.journal_id_ISSN           0006-2960 
_citation.journal_id_CSD            0033 
_citation.book_publisher            ? 
_citation.pdbx_database_id_PubMed   15966728 
_citation.pdbx_database_id_DOI      10.1021/bi050574m 
# 
loop_
_citation_author.citation_id 
_citation_author.name 
_citation_author.ordinal 
_citation_author.identifier_ORCID 
primary 'Egli, M.'      1  ? 
primary 'Minasov, G.'   2  ? 
primary 'Tereshko, V.'  3  ? 
primary 'Pallan, P.S.'  4  ? 
primary 'Teplova, M.'   5  ? 
primary 'Inamati, G.B.' 6  ? 
primary 'Lesnik, E.A.'  7  ? 
primary 'Owens, S.R.'   8  ? 
primary 'Ross, B.S.'    9  ? 
primary 'Prakash, T.P.' 10 ? 
primary 'Manoharan, M.' 11 ? 
# 
_cell.entry_id           1YB9 
_cell.length_a           24.840 
_cell.length_b           44.640 
_cell.length_c           45.180 
_cell.angle_alpha        90.00 
_cell.angle_beta         90.00 
_cell.angle_gamma        90.00 
_cell.Z_PDB              8 
_cell.pdbx_unique_axis   ? 
# 
_symmetry.entry_id                         1YB9 
_symmetry.space_group_name_H-M             'P 21 21 21' 
_symmetry.pdbx_full_space_group_name_H-M   ? 
_symmetry.cell_setting                     ? 
_symmetry.Int_Tables_number                19 
_symmetry.space_group_name_Hall            ? 
# 
loop_
_entity.id 
_entity.type 
_entity.src_method 
_entity.pdbx_description 
_entity.formula_weight 
_entity.pdbx_number_of_molecules 
_entity.pdbx_ec 
_entity.pdbx_mutation 
_entity.pdbx_fragment 
_entity.details 
1 polymer     syn "5'-D(*GP*CP*GP*TP*AP*(2OT)P*AP*CP*GP*C)-3')" 3148.125 2   ? ? ? ? 
2 non-polymer syn SPERMINE                                      202.340  1   ? ? ? ? 
3 water       nat water                                         18.015   124 ? ? ? ? 
# 
_entity_poly.entity_id                      1 
_entity_poly.type                           polydeoxyribonucleotide 
_entity_poly.nstd_linkage                   no 
_entity_poly.nstd_monomer                   yes 
_entity_poly.pdbx_seq_one_letter_code       '(DG)(DC)(DG)(DT)(DA)(2OT)(DA)(DC)(DG)(DC)' 
_entity_poly.pdbx_seq_one_letter_code_can   GCGTATACGC 
_entity_poly.pdbx_strand_id                 A,B 
_entity_poly.pdbx_target_identifier         ? 
# 
loop_
_entity_poly_seq.entity_id 
_entity_poly_seq.num 
_entity_poly_seq.mon_id 
_entity_poly_seq.hetero 
1 1  DG  n 
1 2  DC  n 
1 3  DG  n 
1 4  DT  n 
1 5  DA  n 
1 6  2OT n 
1 7  DA  n 
1 8  DC  n 
1 9  DG  n 
1 10 DC  n 
# 
_struct_ref.id                         1 
_struct_ref.entity_id                  1 
_struct_ref.db_name                    PDB 
_struct_ref.db_code                    1YB9 
_struct_ref.pdbx_db_accession          1YB9 
_struct_ref.pdbx_db_isoform            ? 
_struct_ref.pdbx_seq_one_letter_code   ? 
_struct_ref.pdbx_align_begin           ? 
# 
loop_
_struct_ref_seq.align_id 
_struct_ref_seq.ref_id 
_struct_ref_seq.pdbx_PDB_id_code 
_struct_ref_seq.pdbx_strand_id 
_struct_ref_seq.seq_align_beg 
_struct_ref_seq.pdbx_seq_align_beg_ins_code 
_struct_ref_seq.seq_align_end 
_struct_ref_seq.pdbx_seq_align_end_ins_code 
_struct_ref_seq.pdbx_db_accession 
_struct_ref_seq.db_align_beg 
_struct_ref_seq.pdbx_db_align_beg_ins_code 
_struct_ref_seq.db_align_end 
_struct_ref_seq.pdbx_db_align_end_ins_code 
_struct_ref_seq.pdbx_auth_seq_align_beg 
_struct_ref_seq.pdbx_auth_seq_align_end 
1 1 1YB9 A 1 ? 10 ? 1YB9 1  ? 10 ? 1  10 
2 1 1YB9 B 1 ? 10 ? 1YB9 11 ? 20 ? 11 20 
# 
loop_
_chem_comp.id 
_chem_comp.type 
_chem_comp.mon_nstd_flag 
_chem_comp.name 
_chem_comp.pdbx_synonyms 
_chem_comp.formula 
_chem_comp.formula_weight 
2OT 'RNA linking' n 
;2'-O-[2-(N,N-DIMETHYLAMINOOXY)ETHYL] THYMIDINE-5'-MONOPHOSPHATE
;
? 'C14 H24 N3 O10 P' 425.328 
DA  'DNA linking' y "2'-DEOXYADENOSINE-5'-MONOPHOSPHATE"                              ? 'C10 H14 N5 O6 P'  331.222 
DC  'DNA linking' y "2'-DEOXYCYTIDINE-5'-MONOPHOSPHATE"                               ? 'C9 H14 N3 O7 P'   307.197 
DG  'DNA linking' y "2'-DEOXYGUANOSINE-5'-MONOPHOSPHATE"                              ? 'C10 H14 N5 O7 P'  347.221 
DT  'DNA linking' y "THYMIDINE-5'-MONOPHOSPHATE"                                      ? 'C10 H15 N2 O8 P'  322.208 
HOH non-polymer   . WATER                                                             ? 'H2 O'             18.015  
SPM non-polymer   . SPERMINE                                                          ? 'C10 H26 N4'       202.340 
# 
_exptl.entry_id          1YB9 
_exptl.method            'X-RAY DIFFRACTION' 
_exptl.crystals_number   1 
# 
_exptl_crystal.id                    1 
_exptl_crystal.density_meas          ? 
_exptl_crystal.density_Matthews      1.99 
_exptl_crystal.density_percent_sol   38.17 
_exptl_crystal.description           ? 
_exptl_crystal.F_000                 ? 
_exptl_crystal.preparation           ? 
# 
_exptl_crystal_grow.crystal_id      1 
_exptl_crystal_grow.method          'VAPOR DIFFUSION, HANGING DROP' 
_exptl_crystal_grow.temp            295 
_exptl_crystal_grow.temp_details    ? 
_exptl_crystal_grow.pH              6.0 
_exptl_crystal_grow.pdbx_details    
'10%MPD, 40mM Na-Cacodilate, 12 mM Spermine, 80mM NaCL, pH 6.0, VAPOR DIFFUSION, HANGING DROP, temperature 295K' 
_exptl_crystal_grow.pdbx_pH_range   . 
# 
loop_
_exptl_crystal_grow_comp.crystal_id 
_exptl_crystal_grow_comp.id 
_exptl_crystal_grow_comp.sol_id 
_exptl_crystal_grow_comp.name 
_exptl_crystal_grow_comp.volume 
_exptl_crystal_grow_comp.conc 
_exptl_crystal_grow_comp.details 
1 1 1 MPD           ? ? ? 
1 2 1 Na-Cacodilate ? ? ? 
1 3 1 Spermine      ? ? ? 
1 4 1 NaCL          ? ? ? 
1 5 1 H2O           ? ? ? 
1 6 2 MPD           ? ? ? 
1 7 2 Na-Cacodilate ? ? ? 
1 8 2 NaCL          ? ? ? 
# 
_diffrn.id                     1 
_diffrn.ambient_temp           110 
_diffrn.ambient_temp_details   ? 
_diffrn.crystal_id             1 
# 
_diffrn_detector.diffrn_id              1 
_diffrn_detector.detector               'IMAGE PLATE' 
_diffrn_detector.type                   'RIGAKU RAXIS IIC' 
_diffrn_detector.pdbx_collection_date   1999-08-03 
_diffrn_detector.details                Mirrors 
# 
_diffrn_radiation.diffrn_id                        1 
_diffrn_radiation.wavelength_id                    1 
_diffrn_radiation.pdbx_monochromatic_or_laue_m_l   M 
_diffrn_radiation.monochromator                    ? 
_diffrn_radiation.pdbx_diffrn_protocol             'SINGLE WAVELENGTH' 
_diffrn_radiation.pdbx_scattering_type             x-ray 
# 
_diffrn_radiation_wavelength.id           1 
_diffrn_radiation_wavelength.wavelength   1.5418 
_diffrn_radiation_wavelength.wt           1.0 
# 
_diffrn_source.diffrn_id                   1 
_diffrn_source.source                      'ROTATING ANODE' 
_diffrn_source.type                        'RIGAKU RU200' 
_diffrn_source.pdbx_synchrotron_site       ? 
_diffrn_source.pdbx_synchrotron_beamline   ? 
_diffrn_source.pdbx_wavelength             1.5418 
_diffrn_source.pdbx_wavelength_list        ? 
# 
_reflns.entry_id                     1YB9 
_reflns.observed_criterion_sigma_F   ? 
_reflns.observed_criterion_sigma_I   -3.0 
_reflns.d_resolution_high            1.65 
_reflns.d_resolution_low             20.0 
_reflns.number_all                   6146 
_reflns.number_obs                   6146 
_reflns.percent_possible_obs         95.4 
_reflns.pdbx_Rmerge_I_obs            0.102 
_reflns.pdbx_Rsym_value              ? 
_reflns.pdbx_netI_over_sigmaI        17.4 
_reflns.B_iso_Wilson_estimate        ? 
_reflns.pdbx_redundancy              6.5 
_reflns.R_free_details               ? 
_reflns.pdbx_chi_squared             ? 
_reflns.pdbx_scaling_rejects         ? 
_reflns.pdbx_diffrn_id               1 
_reflns.pdbx_ordinal                 1 
# 
_reflns_shell.d_res_high             1.65 
_reflns_shell.d_res_low              1.71 
_reflns_shell.percent_possible_all   70.7 
_reflns_shell.Rmerge_I_obs           0.175 
_reflns_shell.pdbx_Rsym_value        ? 
_reflns_shell.meanI_over_sigI_obs    6.1 
_reflns_shell.pdbx_redundancy        2.7 
_reflns_shell.percent_possible_obs   ? 
_reflns_shell.number_unique_all      442 
_reflns_shell.number_measured_all    ? 
_reflns_shell.number_measured_obs    ? 
_reflns_shell.number_unique_obs      ? 
_reflns_shell.pdbx_chi_squared       ? 
_reflns_shell.pdbx_diffrn_id         ? 
_reflns_shell.pdbx_ordinal           1 
# 
_refine.entry_id                                 1YB9 
_refine.ls_d_res_high                            1.65 
_refine.ls_d_res_low                             20.0 
_refine.pdbx_ls_sigma_F                          0.0 
_refine.pdbx_ls_sigma_I                          ? 
_refine.ls_number_reflns_all                     6099 
_refine.ls_number_reflns_obs                     6099 
_refine.ls_number_reflns_R_free                  672 
_refine.ls_percent_reflns_obs                    94.9 
_refine.ls_R_factor_all                          ? 
_refine.ls_R_factor_obs                          ? 
_refine.ls_R_factor_R_work                       0.1632 
_refine.ls_R_factor_R_free                       0.1906 
_refine.ls_redundancy_reflns_obs                 ? 
_refine.pdbx_data_cutoff_high_absF               ? 
_refine.pdbx_data_cutoff_low_absF                ? 
_refine.ls_number_parameters                     ? 
_refine.ls_number_restraints                     ? 
_refine.ls_percent_reflns_R_free                 ? 
_refine.ls_R_factor_R_free_error                 ? 
_refine.ls_R_factor_R_free_error_details         ? 
_refine.pdbx_method_to_determine_struct          'MOLECULAR REPLACEMENT' 
_refine.pdbx_starting_model                      'pdb entry 410D' 
_refine.pdbx_ls_cross_valid_method               THROUGHOUT 
_refine.pdbx_R_Free_selection_details            Random 
_refine.pdbx_stereochem_target_val_spec_case     ? 
_refine.pdbx_stereochemistry_target_values       ? 
_refine.solvent_model_details                    ? 
_refine.solvent_model_param_bsol                 ? 
_refine.solvent_model_param_ksol                 ? 
_refine.occupancy_max                            ? 
_refine.occupancy_min                            ? 
_refine.pdbx_isotropic_thermal_model             Isotropic 
_refine.B_iso_mean                               19.0 
_refine.aniso_B[1][1]                            -0.559 
_refine.aniso_B[1][2]                            0.000 
_refine.aniso_B[1][3]                            0.000 
_refine.aniso_B[2][2]                            1.014 
_refine.aniso_B[2][3]                            0.000 
_refine.aniso_B[3][3]                            -0.456 
_refine.details                                  'Conjugate gradient refinement using maximum likelihood target for amplitudes' 
_refine.correlation_coeff_Fo_to_Fc               ? 
_refine.correlation_coeff_Fo_to_Fc_free          ? 
_refine.pdbx_solvent_vdw_probe_radii             ? 
_refine.pdbx_solvent_ion_probe_radii             ? 
_refine.pdbx_solvent_shrinkage_radii             ? 
_refine.overall_SU_R_Cruickshank_DPI             ? 
_refine.overall_SU_R_free                        ? 
_refine.overall_SU_B                             ? 
_refine.overall_SU_ML                            ? 
_refine.pdbx_overall_ESU_R                       ? 
_refine.pdbx_overall_ESU_R_Free                  ? 
_refine.pdbx_data_cutoff_high_rms_absF           ? 
_refine.ls_wR_factor_R_free                      ? 
_refine.ls_wR_factor_R_work                      ? 
_refine.overall_FOM_free_R_set                   ? 
_refine.overall_FOM_work_R_set                   ? 
_refine.pdbx_refine_id                           'X-RAY DIFFRACTION' 
_refine.pdbx_diffrn_id                           1 
_refine.pdbx_TLS_residual_ADP_flag               ? 
_refine.pdbx_overall_phase_error                 ? 
_refine.pdbx_overall_SU_R_free_Cruickshank_DPI   ? 
_refine.pdbx_overall_SU_R_Blow_DPI               ? 
_refine.pdbx_overall_SU_R_free_Blow_DPI          ? 
# 
_refine_analyze.entry_id                        1YB9 
_refine_analyze.Luzzati_coordinate_error_obs    0.16 
_refine_analyze.Luzzati_sigma_a_obs             0.04 
_refine_analyze.Luzzati_d_res_low_obs           5.0 
_refine_analyze.Luzzati_coordinate_error_free   0.19 
_refine_analyze.Luzzati_sigma_a_free            0.09 
_refine_analyze.Luzzati_d_res_low_free          ? 
_refine_analyze.number_disordered_residues      ? 
_refine_analyze.occupancy_sum_non_hydrogen      ? 
_refine_analyze.occupancy_sum_hydrogen          ? 
_refine_analyze.pdbx_refine_id                  'X-RAY DIFFRACTION' 
# 
_refine_hist.pdbx_refine_id                   'X-RAY DIFFRACTION' 
_refine_hist.cycle_id                         LAST 
_refine_hist.pdbx_number_atoms_protein        0 
_refine_hist.pdbx_number_atoms_nucleic_acid   418 
_refine_hist.pdbx_number_atoms_ligand         18 
_refine_hist.number_atoms_solvent             131 
_refine_hist.number_atoms_total               567 
_refine_hist.d_res_high                       1.65 
_refine_hist.d_res_low                        20.0 
# 
loop_
_refine_ls_restr.type 
_refine_ls_restr.dev_ideal 
_refine_ls_restr.dev_ideal_target 
_refine_ls_restr.weight 
_refine_ls_restr.number 
_refine_ls_restr.pdbx_refine_id 
_refine_ls_restr.pdbx_restraint_function 
c_bond_d           0.008 ? ? ? 'X-RAY DIFFRACTION' ? 
c_angle_deg        1.20  ? ? ? 'X-RAY DIFFRACTION' ? 
c_dihedral_angle_d 26.8  ? ? ? 'X-RAY DIFFRACTION' ? 
c_improper_angle_d 1.53  ? ? ? 'X-RAY DIFFRACTION' ? 
# 
_refine_ls_shell.pdbx_total_number_of_bins_used   ? 
_refine_ls_shell.d_res_high                       1.65 
_refine_ls_shell.d_res_low                        1.71 
_refine_ls_shell.number_reflns_R_work             ? 
_refine_ls_shell.R_factor_R_work                  0.2042 
_refine_ls_shell.percent_reflns_obs               67.46 
_refine_ls_shell.R_factor_R_free                  0.2389 
_refine_ls_shell.R_factor_R_free_error            ? 
_refine_ls_shell.percent_reflns_R_free            ? 
_refine_ls_shell.number_reflns_R_free             55 
_refine_ls_shell.redundancy_reflns_obs            ? 
_refine_ls_shell.pdbx_refine_id                   'X-RAY DIFFRACTION' 
_refine_ls_shell.number_reflns_all                ? 
_refine_ls_shell.R_factor_all                     ? 
# 
_struct.entry_id                  1YB9 
_struct.title                     
;Crystal structure of the A-DNA GCGTAT*CGC with a 2'-O-[2-(N,N-dimethylaminooxy)ethyl] Thymidine (T*)
;
_struct.pdbx_model_details        ? 
_struct.pdbx_CASP_flag            ? 
_struct.pdbx_model_type_details   ? 
# 
_struct_keywords.entry_id        1YB9 
_struct_keywords.pdbx_keywords   DNA 
_struct_keywords.text            
;A-DNA, O2'-modification, decamer, DNA
;
# 
loop_
_struct_asym.id 
_struct_asym.pdbx_blank_PDB_chainid_flag 
_struct_asym.pdbx_modified 
_struct_asym.entity_id 
_struct_asym.details 
A N N 1 ? 
B N N 1 ? 
C N N 2 ? 
D N N 3 ? 
E N N 3 ? 
# 
_struct_biol.id                    1 
_struct_biol.details               'Chains A and B form duplex' 
_struct_biol.pdbx_parent_biol_id   ? 
# 
loop_
_struct_conn.id 
_struct_conn.conn_type_id 
_struct_conn.pdbx_leaving_atom_flag 
_struct_conn.pdbx_PDB_id 
_struct_conn.ptnr1_label_asym_id 
_struct_conn.ptnr1_label_comp_id 
_struct_conn.ptnr1_label_seq_id 
_struct_conn.ptnr1_label_atom_id 
_struct_conn.pdbx_ptnr1_label_alt_id 
_struct_conn.pdbx_ptnr1_PDB_ins_code 
_struct_conn.pdbx_ptnr1_standard_comp_id 
_struct_conn.ptnr1_symmetry 
_struct_conn.ptnr2_label_asym_id 
_struct_conn.ptnr2_label_comp_id 
_struct_conn.ptnr2_label_seq_id 
_struct_conn.ptnr2_label_atom_id 
_struct_conn.pdbx_ptnr2_label_alt_id 
_struct_conn.pdbx_ptnr2_PDB_ins_code 
_struct_conn.ptnr1_auth_asym_id 
_struct_conn.ptnr1_auth_comp_id 
_struct_conn.ptnr1_auth_seq_id 
_struct_conn.ptnr2_auth_asym_id 
_struct_conn.ptnr2_auth_comp_id 
_struct_conn.ptnr2_auth_seq_id 
_struct_conn.ptnr2_symmetry 
_struct_conn.pdbx_ptnr3_label_atom_id 
_struct_conn.pdbx_ptnr3_label_seq_id 
_struct_conn.pdbx_ptnr3_label_comp_id 
_struct_conn.pdbx_ptnr3_label_asym_id 
_struct_conn.pdbx_ptnr3_label_alt_id 
_struct_conn.pdbx_ptnr3_PDB_ins_code 
_struct_conn.details 
_struct_conn.pdbx_dist_value 
_struct_conn.pdbx_value_order 
_struct_conn.pdbx_role 
covale1  covale both ? A DA  5  "O3'" ? ? ? 1_555 A 2OT 6  P  ? ? A DA  5  A 2OT 6  1_555 ? ? ? ? ? ? ?            1.600 ? ? 
covale2  covale both ? A 2OT 6  "O3'" ? ? ? 1_555 A DA  7  P  ? ? A 2OT 6  A DA  7  1_555 ? ? ? ? ? ? ?            1.613 ? ? 
covale3  covale both ? B DA  5  "O3'" ? ? ? 1_555 B 2OT 6  P  ? ? B DA  15 B 2OT 16 1_555 ? ? ? ? ? ? ?            1.604 ? ? 
covale4  covale both ? B 2OT 6  "O3'" ? ? ? 1_555 B DA  7  P  ? ? B 2OT 16 B DA  17 1_555 ? ? ? ? ? ? ?            1.603 ? ? 
hydrog1  hydrog ?    ? A DG  1  N1    ? ? ? 1_555 B DC  10 N3 ? ? A DG  1  B DC  20 1_555 ? ? ? ? ? ? WATSON-CRICK ?     ? ? 
hydrog2  hydrog ?    ? A DG  1  N2    ? ? ? 1_555 B DC  10 O2 ? ? A DG  1  B DC  20 1_555 ? ? ? ? ? ? WATSON-CRICK ?     ? ? 
hydrog3  hydrog ?    ? A DG  1  O6    ? ? ? 1_555 B DC  10 N4 ? ? A DG  1  B DC  20 1_555 ? ? ? ? ? ? WATSON-CRICK ?     ? ? 
hydrog4  hydrog ?    ? A DC  2  N3    ? ? ? 1_555 B DG  9  N1 ? ? A DC  2  B DG  19 1_555 ? ? ? ? ? ? WATSON-CRICK ?     ? ? 
hydrog5  hydrog ?    ? A DC  2  N4    ? ? ? 1_555 B DG  9  O6 ? ? A DC  2  B DG  19 1_555 ? ? ? ? ? ? WATSON-CRICK ?     ? ? 
hydrog6  hydrog ?    ? A DC  2  O2    ? ? ? 1_555 B DG  9  N2 ? ? A DC  2  B DG  19 1_555 ? ? ? ? ? ? WATSON-CRICK ?     ? ? 
hydrog7  hydrog ?    ? A DG  3  N1    ? ? ? 1_555 B DC  8  N3 ? ? A DG  3  B DC  18 1_555 ? ? ? ? ? ? WATSON-CRICK ?     ? ? 
hydrog8  hydrog ?    ? A DG  3  N2    ? ? ? 1_555 B DC  8  O2 ? ? A DG  3  B DC  18 1_555 ? ? ? ? ? ? WATSON-CRICK ?     ? ? 
hydrog9  hydrog ?    ? A DG  3  O6    ? ? ? 1_555 B DC  8  N4 ? ? A DG  3  B DC  18 1_555 ? ? ? ? ? ? WATSON-CRICK ?     ? ? 
hydrog10 hydrog ?    ? A DT  4  N3    ? ? ? 1_555 B DA  7  N1 ? ? A DT  4  B DA  17 1_555 ? ? ? ? ? ? WATSON-CRICK ?     ? ? 
hydrog11 hydrog ?    ? A DT  4  O4    ? ? ? 1_555 B DA  7  N6 ? ? A DT  4  B DA  17 1_555 ? ? ? ? ? ? WATSON-CRICK ?     ? ? 
hydrog12 hydrog ?    ? A DA  5  N1    ? ? ? 1_555 B 2OT 6  N3 ? ? A DA  5  B 2OT 16 1_555 ? ? ? ? ? ? WATSON-CRICK ?     ? ? 
hydrog13 hydrog ?    ? A DA  5  N6    ? ? ? 1_555 B 2OT 6  O4 ? ? A DA  5  B 2OT 16 1_555 ? ? ? ? ? ? WATSON-CRICK ?     ? ? 
hydrog14 hydrog ?    ? A 2OT 6  N3    ? ? ? 1_555 B DA  5  N1 ? ? A 2OT 6  B DA  15 1_555 ? ? ? ? ? ? WATSON-CRICK ?     ? ? 
hydrog15 hydrog ?    ? A 2OT 6  O4    ? ? ? 1_555 B DA  5  N6 ? ? A 2OT 6  B DA  15 1_555 ? ? ? ? ? ? WATSON-CRICK ?     ? ? 
hydrog16 hydrog ?    ? A DA  7  N1    ? ? ? 1_555 B DT  4  N3 ? ? A DA  7  B DT  14 1_555 ? ? ? ? ? ? WATSON-CRICK ?     ? ? 
hydrog17 hydrog ?    ? A DA  7  N6    ? ? ? 1_555 B DT  4  O4 ? ? A DA  7  B DT  14 1_555 ? ? ? ? ? ? WATSON-CRICK ?     ? ? 
hydrog18 hydrog ?    ? A DC  8  N3    ? ? ? 1_555 B DG  3  N1 ? ? A DC  8  B DG  13 1_555 ? ? ? ? ? ? WATSON-CRICK ?     ? ? 
hydrog19 hydrog ?    ? A DC  8  N4    ? ? ? 1_555 B DG  3  O6 ? ? A DC  8  B DG  13 1_555 ? ? ? ? ? ? WATSON-CRICK ?     ? ? 
hydrog20 hydrog ?    ? A DC  8  O2    ? ? ? 1_555 B DG  3  N2 ? ? A DC  8  B DG  13 1_555 ? ? ? ? ? ? WATSON-CRICK ?     ? ? 
hydrog21 hydrog ?    ? A DG  9  N1    ? ? ? 1_555 B DC  2  N3 ? ? A DG  9  B DC  12 1_555 ? ? ? ? ? ? WATSON-CRICK ?     ? ? 
hydrog22 hydrog ?    ? A DG  9  N2    ? ? ? 1_555 B DC  2  O2 ? ? A DG  9  B DC  12 1_555 ? ? ? ? ? ? WATSON-CRICK ?     ? ? 
hydrog23 hydrog ?    ? A DG  9  O6    ? ? ? 1_555 B DC  2  N4 ? ? A DG  9  B DC  12 1_555 ? ? ? ? ? ? WATSON-CRICK ?     ? ? 
hydrog24 hydrog ?    ? A DC  10 N3    ? ? ? 1_555 B DG  1  N1 ? ? A DC  10 B DG  11 1_555 ? ? ? ? ? ? WATSON-CRICK ?     ? ? 
hydrog25 hydrog ?    ? A DC  10 N4    ? ? ? 1_555 B DG  1  O6 ? ? A DC  10 B DG  11 1_555 ? ? ? ? ? ? WATSON-CRICK ?     ? ? 
hydrog26 hydrog ?    ? A DC  10 O2    ? ? ? 1_555 B DG  1  N2 ? ? A DC  10 B DG  11 1_555 ? ? ? ? ? ? WATSON-CRICK ?     ? ? 
# 
loop_
_struct_conn_type.id 
_struct_conn_type.criteria 
_struct_conn_type.reference 
covale ? ? 
hydrog ? ? 
# 
_struct_site.id                   AC1 
_struct_site.pdbx_evidence_code   Software 
_struct_site.pdbx_auth_asym_id    B 
_struct_site.pdbx_auth_comp_id    SPM 
_struct_site.pdbx_auth_seq_id     100 
_struct_site.pdbx_auth_ins_code   ? 
_struct_site.pdbx_num_residues    14 
_struct_site.details              'BINDING SITE FOR RESIDUE SPM B 100' 
# 
loop_
_struct_site_gen.id 
_struct_site_gen.site_id 
_struct_site_gen.pdbx_num_res 
_struct_site_gen.label_comp_id 
_struct_site_gen.label_asym_id 
_struct_site_gen.label_seq_id 
_struct_site_gen.pdbx_auth_ins_code 
_struct_site_gen.auth_comp_id 
_struct_site_gen.auth_asym_id 
_struct_site_gen.auth_seq_id 
_struct_site_gen.label_atom_id 
_struct_site_gen.label_alt_id 
_struct_site_gen.symmetry 
_struct_site_gen.details 
1  AC1 14 DG  A 9  ? DG  A 9   . ? 2_555 ? 
2  AC1 14 DC  A 10 ? DC  A 10  . ? 2_555 ? 
3  AC1 14 HOH D .  ? HOH A 139 . ? 1_655 ? 
4  AC1 14 HOH D .  ? HOH A 160 . ? 2_555 ? 
5  AC1 14 HOH D .  ? HOH A 167 . ? 4_556 ? 
6  AC1 14 DT  B 4  ? DT  B 14  . ? 3_655 ? 
7  AC1 14 DA  B 5  ? DA  B 15  . ? 3_655 ? 
8  AC1 14 DG  B 9  ? DG  B 19  . ? 1_555 ? 
9  AC1 14 DC  B 10 ? DC  B 20  . ? 1_555 ? 
10 AC1 14 HOH E .  ? HOH B 124 . ? 3_655 ? 
11 AC1 14 HOH E .  ? HOH B 140 . ? 1_555 ? 
12 AC1 14 HOH E .  ? HOH B 166 . ? 1_555 ? 
13 AC1 14 HOH E .  ? HOH B 187 . ? 1_555 ? 
14 AC1 14 HOH E .  ? HOH B 200 . ? 1_555 ? 
# 
_atom_sites.entry_id                    1YB9 
_atom_sites.fract_transf_matrix[1][1]   -0.01548050 
_atom_sites.fract_transf_matrix[1][2]   0.01880334 
_atom_sites.fract_transf_matrix[1][3]   -0.03205456 
_atom_sites.fract_transf_matrix[2][1]   -0.02067250 
_atom_sites.fract_transf_matrix[2][2]   -0.00388691 
_atom_sites.fract_transf_matrix[2][3]   0.00770354 
_atom_sites.fract_transf_matrix[3][1]   0.00049723 
_atom_sites.fract_transf_matrix[3][2]   0.01919079 
_atom_sites.fract_transf_matrix[3][3]   0.01101726 
_atom_sites.fract_transf_vector[1]      0.140481 
_atom_sites.fract_transf_vector[2]      0.020605 
_atom_sites.fract_transf_vector[3]      0.218492 
# 
loop_
_atom_type.symbol 
C 
N 
O 
P 
# 
loop_
_atom_site.group_PDB 
_atom_site.id 
_atom_site.type_symbol 
_atom_site.label_atom_id 
_atom_site.label_alt_id 
_atom_site.label_comp_id 
_atom_site.label_asym_id 
_atom_site.label_entity_id 
_atom_site.label_seq_id 
_atom_site.pdbx_PDB_ins_code 
_atom_site.Cartn_x 
_atom_site.Cartn_y 
_atom_site.Cartn_z 
_atom_site.occupancy 
_atom_site.B_iso_or_equiv 
_atom_site.pdbx_formal_charge 
_atom_site.auth_seq_id 
_atom_site.auth_comp_id 
_atom_site.auth_asym_id 
_atom_site.auth_atom_id 
_atom_site.pdbx_PDB_model_num 
ATOM   1   O "O5'" . DG  A 1 1  ? 3.395   10.890  -4.019  1.00 34.18 ? 1   DG  A "O5'" 1 
ATOM   2   C "C5'" . DG  A 1 1  ? 4.381   11.808  -3.525  1.00 27.27 ? 1   DG  A "C5'" 1 
ATOM   3   C "C4'" . DG  A 1 1  ? 3.864   12.663  -2.392  1.00 24.68 ? 1   DG  A "C4'" 1 
ATOM   4   O "O4'" . DG  A 1 1  ? 2.668   13.349  -2.824  1.00 25.42 ? 1   DG  A "O4'" 1 
ATOM   5   C "C3'" . DG  A 1 1  ? 3.460   11.898  -1.136  1.00 22.62 ? 1   DG  A "C3'" 1 
ATOM   6   O "O3'" . DG  A 1 1  ? 4.602   11.714  -0.270  1.00 22.42 ? 1   DG  A "O3'" 1 
ATOM   7   C "C2'" . DG  A 1 1  ? 2.400   12.803  -0.527  1.00 22.43 ? 1   DG  A "C2'" 1 
ATOM   8   C "C1'" . DG  A 1 1  ? 1.714   13.388  -1.757  1.00 19.09 ? 1   DG  A "C1'" 1 
ATOM   9   N N9    . DG  A 1 1  ? 0.545   12.621  -2.192  1.00 18.50 ? 1   DG  A N9    1 
ATOM   10  C C8    . DG  A 1 1  ? 0.363   11.973  -3.394  1.00 20.46 ? 1   DG  A C8    1 
ATOM   11  N N7    . DG  A 1 1  ? -0.788  11.361  -3.479  1.00 19.69 ? 1   DG  A N7    1 
ATOM   12  C C5    . DG  A 1 1  ? -1.404  11.624  -2.259  1.00 18.07 ? 1   DG  A C5    1 
ATOM   13  C C6    . DG  A 1 1  ? -2.674  11.220  -1.754  1.00 16.06 ? 1   DG  A C6    1 
ATOM   14  O O6    . DG  A 1 1  ? -3.540  10.524  -2.297  1.00 20.35 ? 1   DG  A O6    1 
ATOM   15  N N1    . DG  A 1 1  ? -2.889  11.711  -0.466  1.00 17.11 ? 1   DG  A N1    1 
ATOM   16  C C2    . DG  A 1 1  ? -1.995  12.480  0.247   1.00 14.42 ? 1   DG  A C2    1 
ATOM   17  N N2    . DG  A 1 1  ? -2.373  12.848  1.478   1.00 15.29 ? 1   DG  A N2    1 
ATOM   18  N N3    . DG  A 1 1  ? -0.813  12.856  -0.211  1.00 17.81 ? 1   DG  A N3    1 
ATOM   19  C C4    . DG  A 1 1  ? -0.590  12.401  -1.458  1.00 16.75 ? 1   DG  A C4    1 
ATOM   20  P P     . DC  A 1 2  ? 4.785   10.333  0.543   1.00 19.55 ? 2   DC  A P     1 
ATOM   21  O OP1   . DC  A 1 2  ? 6.124   10.394  1.209   1.00 24.78 ? 2   DC  A OP1   1 
ATOM   22  O OP2   . DC  A 1 2  ? 4.440   9.182   -0.333  1.00 21.54 ? 2   DC  A OP2   1 
ATOM   23  O "O5'" . DC  A 1 2  ? 3.659   10.414  1.680   1.00 16.40 ? 2   DC  A "O5'" 1 
ATOM   24  C "C5'" . DC  A 1 2  ? 3.699   11.426  2.709   1.00 18.35 ? 2   DC  A "C5'" 1 
ATOM   25  C "C4'" . DC  A 1 2  ? 2.441   11.376  3.546   1.00 16.64 ? 2   DC  A "C4'" 1 
ATOM   26  O "O4'" . DC  A 1 2  ? 1.286   11.647  2.731   1.00 15.06 ? 2   DC  A "O4'" 1 
ATOM   27  C "C3'" . DC  A 1 2  ? 2.168   10.019  4.174   1.00 17.16 ? 2   DC  A "C3'" 1 
ATOM   28  O "O3'" . DC  A 1 2  ? 2.872   9.921   5.409   1.00 16.28 ? 2   DC  A "O3'" 1 
ATOM   29  C "C2'" . DC  A 1 2  ? 0.657   10.025  4.356   1.00 15.05 ? 2   DC  A "C2'" 1 
ATOM   30  C "C1'" . DC  A 1 2  ? 0.181   10.852  3.167   1.00 13.74 ? 2   DC  A "C1'" 1 
ATOM   31  N N1    . DC  A 1 2  ? -0.258  10.050  2.019   1.00 12.55 ? 2   DC  A N1    1 
ATOM   32  C C2    . DC  A 1 2  ? -1.554  9.555   2.029   1.00 12.67 ? 2   DC  A C2    1 
ATOM   33  O O2    . DC  A 1 2  ? -2.248  9.764   3.040   1.00 13.37 ? 2   DC  A O2    1 
ATOM   34  N N3    . DC  A 1 2  ? -2.014  8.865   0.962   1.00 11.17 ? 2   DC  A N3    1 
ATOM   35  C C4    . DC  A 1 2  ? -1.222  8.654   -0.087  1.00 12.89 ? 2   DC  A C4    1 
ATOM   36  N N4    . DC  A 1 2  ? -1.743  7.996   -1.133  1.00 15.19 ? 2   DC  A N4    1 
ATOM   37  C C5    . DC  A 1 2  ? 0.133   9.115   -0.115  1.00 14.73 ? 2   DC  A C5    1 
ATOM   38  C C6    . DC  A 1 2  ? 0.572   9.804   0.958   1.00 13.56 ? 2   DC  A C6    1 
ATOM   39  P P     . DG  A 1 3  ? 3.013   8.489   6.123   1.00 18.76 ? 3   DG  A P     1 
ATOM   40  O OP1   . DG  A 1 3  ? 3.695   8.683   7.415   1.00 19.59 ? 3   DG  A OP1   1 
ATOM   41  O OP2   . DG  A 1 3  ? 3.559   7.525   5.149   1.00 19.87 ? 3   DG  A OP2   1 
ATOM   42  O "O5'" . DG  A 1 3  ? 1.487   8.123   6.418   1.00 15.97 ? 3   DG  A "O5'" 1 
ATOM   43  C "C5'" . DG  A 1 3  ? 1.005   6.762   6.429   1.00 14.87 ? 3   DG  A "C5'" 1 
ATOM   44  C "C4'" . DG  A 1 3  ? -0.500  6.761   6.606   1.00 14.17 ? 3   DG  A "C4'" 1 
ATOM   45  O "O4'" . DG  A 1 3  ? -1.121  7.355   5.452   1.00 14.59 ? 3   DG  A "O4'" 1 
ATOM   46  C "C3'" . DG  A 1 3  ? -1.156  5.387   6.744   1.00 11.75 ? 3   DG  A "C3'" 1 
ATOM   47  O "O3'" . DG  A 1 3  ? -1.159  5.001   8.118   1.00 13.38 ? 3   DG  A "O3'" 1 
ATOM   48  C "C2'" . DG  A 1 3  ? -2.563  5.643   6.247   1.00 13.90 ? 3   DG  A "C2'" 1 
ATOM   49  C "C1'" . DG  A 1 3  ? -2.328  6.679   5.149   1.00 11.34 ? 3   DG  A "C1'" 1 
ATOM   50  N N9    . DG  A 1 3  ? -2.200  6.102   3.811   1.00 13.10 ? 3   DG  A N9    1 
ATOM   51  C C8    . DG  A 1 3  ? -1.136  6.193   2.942   1.00 12.08 ? 3   DG  A C8    1 
ATOM   52  N N7    . DG  A 1 3  ? -1.379  5.648   1.781   1.00 13.75 ? 3   DG  A N7    1 
ATOM   53  C C5    . DG  A 1 3  ? -2.659  5.129   1.911   1.00 11.15 ? 3   DG  A C5    1 
ATOM   54  C C6    . DG  A 1 3  ? -3.471  4.430   0.977   1.00 11.30 ? 3   DG  A C6    1 
ATOM   55  O O6    . DG  A 1 3  ? -3.201  4.107   -0.204  1.00 12.53 ? 3   DG  A O6    1 
ATOM   56  N N1    . DG  A 1 3  ? -4.715  4.105   1.524   1.00 11.60 ? 3   DG  A N1    1 
ATOM   57  C C2    . DG  A 1 3  ? -5.118  4.402   2.802   1.00 11.75 ? 3   DG  A C2    1 
ATOM   58  N N2    . DG  A 1 3  ? -6.356  3.986   3.150   1.00 11.02 ? 3   DG  A N2    1 
ATOM   59  N N3    . DG  A 1 3  ? -4.366  5.060   3.684   1.00 11.96 ? 3   DG  A N3    1 
ATOM   60  C C4    . DG  A 1 3  ? -3.167  5.392   3.167   1.00 10.88 ? 3   DG  A C4    1 
ATOM   61  P P     . DT  A 1 4  ? -1.093  3.448   8.522   1.00 15.57 ? 4   DT  A P     1 
ATOM   62  O OP1   . DT  A 1 4  ? -0.935  3.372   10.015  1.00 18.97 ? 4   DT  A OP1   1 
ATOM   63  O OP2   . DT  A 1 4  ? -0.120  2.749   7.633   1.00 14.65 ? 4   DT  A OP2   1 
ATOM   64  O "O5'" . DT  A 1 4  ? -2.525  2.876   8.128   1.00 14.33 ? 4   DT  A "O5'" 1 
ATOM   65  C "C5'" . DT  A 1 4  ? -3.677  3.116   8.933   1.00 13.46 ? 4   DT  A "C5'" 1 
ATOM   66  C "C4'" . DT  A 1 4  ? -4.807  2.220   8.477   1.00 12.57 ? 4   DT  A "C4'" 1 
ATOM   67  O "O4'" . DT  A 1 4  ? -5.274  2.604   7.155   1.00 13.52 ? 4   DT  A "O4'" 1 
ATOM   68  C "C3'" . DT  A 1 4  ? -4.412  0.763   8.317   1.00 14.01 ? 4   DT  A "C3'" 1 
ATOM   69  O "O3'" . DT  A 1 4  ? -4.420  0.084   9.570   1.00 15.70 ? 4   DT  A "O3'" 1 
ATOM   70  C "C2'" . DT  A 1 4  ? -5.445  0.240   7.336   1.00 11.47 ? 4   DT  A "C2'" 1 
ATOM   71  C "C1'" . DT  A 1 4  ? -5.663  1.439   6.415   1.00 11.21 ? 4   DT  A "C1'" 1 
ATOM   72  N N1    . DT  A 1 4  ? -4.831  1.388   5.198   1.00 8.95  ? 4   DT  A N1    1 
ATOM   73  C C2    . DT  A 1 4  ? -5.363  0.834   4.056   1.00 11.22 ? 4   DT  A C2    1 
ATOM   74  O O2    . DT  A 1 4  ? -6.478  0.350   4.030   1.00 10.05 ? 4   DT  A O2    1 
ATOM   75  N N3    . DT  A 1 4  ? -4.536  0.875   2.946   1.00 9.57  ? 4   DT  A N3    1 
ATOM   76  C C4    . DT  A 1 4  ? -3.248  1.382   2.896   1.00 9.92  ? 4   DT  A C4    1 
ATOM   77  O O4    . DT  A 1 4  ? -2.600  1.363   1.839   1.00 8.01  ? 4   DT  A O4    1 
ATOM   78  C C5    . DT  A 1 4  ? -2.752  1.908   4.145   1.00 8.73  ? 4   DT  A C5    1 
ATOM   79  C C7    . DT  A 1 4  ? -1.353  2.436   4.197   1.00 11.34 ? 4   DT  A C7    1 
ATOM   80  C C6    . DT  A 1 4  ? -3.559  1.897   5.215   1.00 11.03 ? 4   DT  A C6    1 
ATOM   81  P P     . DA  A 1 5  ? -3.470  -1.183  9.767   1.00 16.79 ? 5   DA  A P     1 
ATOM   82  O OP1   . DA  A 1 5  ? -3.743  -1.672  11.152  1.00 20.11 ? 5   DA  A OP1   1 
ATOM   83  O OP2   . DA  A 1 5  ? -2.080  -0.918  9.340   1.00 15.43 ? 5   DA  A OP2   1 
ATOM   84  O "O5'" . DA  A 1 5  ? -4.088  -2.217  8.727   1.00 14.79 ? 5   DA  A "O5'" 1 
ATOM   85  C "C5'" . DA  A 1 5  ? -3.253  -3.102  8.011   1.00 15.04 ? 5   DA  A "C5'" 1 
ATOM   86  C "C4'" . DA  A 1 5  ? -4.080  -3.835  6.986   1.00 13.08 ? 5   DA  A "C4'" 1 
ATOM   87  O "O4'" . DA  A 1 5  ? -4.576  -2.902  6.002   1.00 14.46 ? 5   DA  A "O4'" 1 
ATOM   88  C "C3'" . DA  A 1 5  ? -3.342  -4.896  6.193   1.00 12.69 ? 5   DA  A "C3'" 1 
ATOM   89  O "O3'" . DA  A 1 5  ? -3.341  -6.121  6.917   1.00 14.57 ? 5   DA  A "O3'" 1 
ATOM   90  C "C2'" . DA  A 1 5  ? -4.195  -4.994  4.944   1.00 12.70 ? 5   DA  A "C2'" 1 
ATOM   91  C "C1'" . DA  A 1 5  ? -4.631  -3.540  4.729   1.00 12.03 ? 5   DA  A "C1'" 1 
ATOM   92  N N9    . DA  A 1 5  ? -3.700  -2.839  3.854   1.00 9.47  ? 5   DA  A N9    1 
ATOM   93  C C8    . DA  A 1 5  ? -2.714  -1.949  4.208   1.00 11.26 ? 5   DA  A C8    1 
ATOM   94  N N7    . DA  A 1 5  ? -2.023  -1.491  3.188   1.00 10.10 ? 5   DA  A N7    1 
ATOM   95  C C5    . DA  A 1 5  ? -2.605  -2.101  2.085   1.00 11.69 ? 5   DA  A C5    1 
ATOM   96  C C6    . DA  A 1 5  ? -2.353  -2.010  0.697   1.00 11.70 ? 5   DA  A C6    1 
ATOM   97  N N6    . DA  A 1 5  ? -1.419  -1.220  0.157   1.00 9.65  ? 5   DA  A N6    1 
ATOM   98  N N1    . DA  A 1 5  ? -3.114  -2.765  -0.123  1.00 11.56 ? 5   DA  A N1    1 
ATOM   99  C C2    . DA  A 1 5  ? -4.061  -3.542  0.412   1.00 9.58  ? 5   DA  A C2    1 
ATOM   100 N N3    . DA  A 1 5  ? -4.404  -3.701  1.689   1.00 9.63  ? 5   DA  A N3    1 
ATOM   101 C C4    . DA  A 1 5  ? -3.632  -2.945  2.480   1.00 11.18 ? 5   DA  A C4    1 
HETATM 102 P P     . 2OT A 1 6  ? -2.132  -7.151  6.728   1.00 14.31 ? 6   2OT A P     1 
HETATM 103 O OP1   . 2OT A 1 6  ? -2.411  -8.251  7.698   1.00 16.33 ? 6   2OT A OP1   1 
HETATM 104 O OP2   . 2OT A 1 6  ? -0.866  -6.441  6.797   1.00 14.52 ? 6   2OT A OP2   1 
HETATM 105 O "O5'" . 2OT A 1 6  ? -2.313  -7.695  5.248   1.00 16.27 ? 6   2OT A "O5'" 1 
HETATM 106 C "C5'" . 2OT A 1 6  ? -3.446  -8.495  4.894   1.00 15.43 ? 6   2OT A "C5'" 1 
HETATM 107 C "C4'" . 2OT A 1 6  ? -3.436  -8.770  3.418   1.00 14.72 ? 6   2OT A "C4'" 1 
HETATM 108 O "O4'" . 2OT A 1 6  ? -3.620  -7.522  2.696   1.00 15.78 ? 6   2OT A "O4'" 1 
HETATM 109 C "C1'" . 2OT A 1 6  ? -2.896  -7.573  1.466   1.00 17.29 ? 6   2OT A "C1'" 1 
HETATM 110 N N1    . 2OT A 1 6  ? -1.904  -6.464  1.454   1.00 14.94 ? 6   2OT A N1    1 
HETATM 111 C C6    . 2OT A 1 6  ? -1.392  -5.934  2.622   1.00 15.04 ? 6   2OT A C6    1 
HETATM 112 C C2    . 2OT A 1 6  ? -1.502  -5.982  0.221   1.00 15.77 ? 6   2OT A C2    1 
HETATM 113 O O2    . 2OT A 1 6  ? -1.891  -6.450  -0.820  1.00 16.87 ? 6   2OT A O2    1 
HETATM 114 N N3    . 2OT A 1 6  ? -0.608  -4.947  0.267   1.00 13.81 ? 6   2OT A N3    1 
HETATM 115 C C4    . 2OT A 1 6  ? -0.059  -4.376  1.386   1.00 15.27 ? 6   2OT A C4    1 
HETATM 116 O O4    . 2OT A 1 6  ? 0.739   -3.452  1.271   1.00 17.60 ? 6   2OT A O4    1 
HETATM 117 C C5    . 2OT A 1 6  ? -0.486  -4.941  2.643   1.00 14.06 ? 6   2OT A C5    1 
HETATM 118 C C5M   . 2OT A 1 6  ? 0.109   -4.398  3.901   1.00 13.57 ? 6   2OT A C5M   1 
HETATM 119 C "C2'" . 2OT A 1 6  ? -2.233  -8.949  1.390   1.00 15.33 ? 6   2OT A "C2'" 1 
HETATM 120 O "O2'" . 2OT A 1 6  ? -3.196  -9.798  0.724   1.00 18.68 ? 6   2OT A "O2'" 1 
HETATM 121 C "CB'" . 2OT A 1 6  ? -3.344  -9.587  -0.694  1.00 18.60 ? 6   2OT A "CB'" 1 
HETATM 122 C "CC'" . 2OT A 1 6  ? -4.832  -9.447  -1.029  1.00 27.52 ? 6   2OT A "CC'" 1 
HETATM 123 O "OD'" . 2OT A 1 6  ? -5.235  -8.092  -0.800  1.00 30.37 ? 6   2OT A "OD'" 1 
HETATM 124 N "NE'" . 2OT A 1 6  ? -6.555  -7.810  -0.802  1.00 32.68 ? 6   2OT A "NE'" 1 
HETATM 125 C "CF'" . 2OT A 1 6  ? -6.816  -6.457  -1.283  1.00 31.20 ? 6   2OT A "CF'" 1 
HETATM 126 C "CG'" . 2OT A 1 6  ? -7.089  -7.997  0.539   1.00 33.30 ? 6   2OT A "CG'" 1 
HETATM 127 C "C3'" . 2OT A 1 6  ? -2.125  -9.292  2.872   1.00 14.43 ? 6   2OT A "C3'" 1 
HETATM 128 O "O3'" . 2OT A 1 6  ? -1.898  -10.664 3.159   1.00 13.84 ? 6   2OT A "O3'" 1 
ATOM   129 P P     . DA  A 1 7  ? -0.390  -11.194 3.377   1.00 15.94 ? 7   DA  A P     1 
ATOM   130 O OP1   . DA  A 1 7  ? -0.541  -12.602 3.848   1.00 20.52 ? 7   DA  A OP1   1 
ATOM   131 O OP2   . DA  A 1 7  ? 0.460   -10.264 4.124   1.00 15.09 ? 7   DA  A OP2   1 
ATOM   132 O "O5'" . DA  A 1 7  ? 0.230   -11.242 1.907   1.00 15.52 ? 7   DA  A "O5'" 1 
ATOM   133 C "C5'" . DA  A 1 7  ? -0.276  -12.163 0.929   1.00 15.36 ? 7   DA  A "C5'" 1 
ATOM   134 C "C4'" . DA  A 1 7  ? 0.307   -11.850 -0.424  1.00 13.62 ? 7   DA  A "C4'" 1 
ATOM   135 O "O4'" . DA  A 1 7  ? -0.127  -10.534 -0.854  1.00 12.45 ? 7   DA  A "O4'" 1 
ATOM   136 C "C3'" . DA  A 1 7  ? 1.828   -11.775 -0.492  1.00 13.40 ? 7   DA  A "C3'" 1 
ATOM   137 O "O3'" . DA  A 1 7  ? 2.442   -13.054 -0.597  1.00 14.27 ? 7   DA  A "O3'" 1 
ATOM   138 C "C2'" . DA  A 1 7  ? 2.037   -10.946 -1.746  1.00 10.88 ? 7   DA  A "C2'" 1 
ATOM   139 C "C1'" . DA  A 1 7  ? 0.881   -9.948  -1.685  1.00 11.83 ? 7   DA  A "C1'" 1 
ATOM   140 N N9    . DA  A 1 7  ? 1.331   -8.709  -1.055  1.00 12.55 ? 7   DA  A N9    1 
ATOM   141 C C8    . DA  A 1 7  ? 1.317   -8.365  0.280   1.00 12.94 ? 7   DA  A C8    1 
ATOM   142 N N7    . DA  A 1 7  ? 1.861   -7.189  0.525   1.00 11.92 ? 7   DA  A N7    1 
ATOM   143 C C5    . DA  A 1 7  ? 2.245   -6.734  -0.735  1.00 12.19 ? 7   DA  A C5    1 
ATOM   144 C C6    . DA  A 1 7  ? 2.885   -5.554  -1.164  1.00 11.57 ? 7   DA  A C6    1 
ATOM   145 N N6    . DA  A 1 7  ? 3.270   -4.576  -0.328  1.00 11.48 ? 7   DA  A N6    1 
ATOM   146 N N1    . DA  A 1 7  ? 3.116   -5.406  -2.486  1.00 9.91  ? 7   DA  A N1    1 
ATOM   147 C C2    . DA  A 1 7  ? 2.739   -6.390  -3.315  1.00 12.70 ? 7   DA  A C2    1 
ATOM   148 N N3    . DA  A 1 7  ? 2.134   -7.546  -3.030  1.00 13.28 ? 7   DA  A N3    1 
ATOM   149 C C4    . DA  A 1 7  ? 1.913   -7.654  -1.712  1.00 12.81 ? 7   DA  A C4    1 
ATOM   150 P P     . DC  A 1 8  ? 3.983   -13.220 -0.196  1.00 16.44 ? 8   DC  A P     1 
ATOM   151 O OP1   . DC  A 1 8  ? 4.278   -14.700 -0.284  1.00 16.56 ? 8   DC  A OP1   1 
ATOM   152 O OP2   . DC  A 1 8  ? 4.268   -12.485 1.060   1.00 15.90 ? 8   DC  A OP2   1 
ATOM   153 O "O5'" . DC  A 1 8  ? 4.794   -12.473 -1.352  1.00 14.66 ? 8   DC  A "O5'" 1 
ATOM   154 C "C5'" . DC  A 1 8  ? 4.742   -12.940 -2.704  1.00 14.21 ? 8   DC  A "C5'" 1 
ATOM   155 C "C4'" . DC  A 1 8  ? 5.385   -11.937 -3.639  1.00 12.79 ? 8   DC  A "C4'" 1 
ATOM   156 O "O4'" . DC  A 1 8  ? 4.684   -10.679 -3.563  1.00 12.55 ? 8   DC  A "O4'" 1 
ATOM   157 C "C3'" . DC  A 1 8  ? 6.828   -11.550 -3.352  1.00 14.61 ? 8   DC  A "C3'" 1 
ATOM   158 O "O3'" . DC  A 1 8  ? 7.761   -12.522 -3.813  1.00 13.98 ? 8   DC  A "O3'" 1 
ATOM   159 C "C2'" . DC  A 1 8  ? 6.948   -10.233 -4.098  1.00 13.75 ? 8   DC  A "C2'" 1 
ATOM   160 C "C1'" . DC  A 1 8  ? 5.590   -9.609  -3.839  1.00 12.63 ? 8   DC  A "C1'" 1 
ATOM   161 N N1    . DC  A 1 8  ? 5.650   -8.730  -2.654  1.00 13.24 ? 8   DC  A N1    1 
ATOM   162 C C2    . DC  A 1 8  ? 6.122   -7.428  -2.840  1.00 13.19 ? 8   DC  A C2    1 
ATOM   163 O O2    . DC  A 1 8  ? 6.419   -7.067  -3.994  1.00 12.33 ? 8   DC  A O2    1 
ATOM   164 N N3    . DC  A 1 8  ? 6.247   -6.601  -1.771  1.00 14.12 ? 8   DC  A N3    1 
ATOM   165 C C4    . DC  A 1 8  ? 5.928   -7.034  -0.549  1.00 13.94 ? 8   DC  A C4    1 
ATOM   166 N N4    . DC  A 1 8  ? 6.103   -6.192  0.475   1.00 14.31 ? 8   DC  A N4    1 
ATOM   167 C C5    . DC  A 1 8  ? 5.423   -8.354  -0.326  1.00 12.61 ? 8   DC  A C5    1 
ATOM   168 C C6    . DC  A 1 8  ? 5.292   -9.164  -1.404  1.00 12.86 ? 8   DC  A C6    1 
ATOM   169 P P     . DG  A 1 9  ? 9.226   -12.572 -3.161  1.00 14.82 ? 9   DG  A P     1 
ATOM   170 O OP1   . DG  A 1 9  ? 9.899   -13.748 -3.766  1.00 16.84 ? 9   DG  A OP1   1 
ATOM   171 O OP2   . DG  A 1 9  ? 9.172   -12.442 -1.694  1.00 19.34 ? 9   DG  A OP2   1 
ATOM   172 O "O5'" . DG  A 1 9  ? 9.900   -11.250 -3.732  1.00 14.14 ? 9   DG  A "O5'" 1 
ATOM   173 C "C5'" . DG  A 1 9  ? 10.212  -11.132 -5.107  1.00 11.63 ? 9   DG  A "C5'" 1 
ATOM   174 C "C4'" . DG  A 1 9  ? 10.917  -9.820  -5.365  1.00 11.45 ? 9   DG  A "C4'" 1 
ATOM   175 O "O4'" . DG  A 1 9  ? 10.056  -8.715  -5.026  1.00 11.71 ? 9   DG  A "O4'" 1 
ATOM   176 C "C3'" . DG  A 1 9  ? 12.158  -9.564  -4.527  1.00 12.55 ? 9   DG  A "C3'" 1 
ATOM   177 O "O3'" . DG  A 1 9  ? 13.296  -10.227 -5.047  1.00 12.50 ? 9   DG  A "O3'" 1 
ATOM   178 C "C2'" . DG  A 1 9  ? 12.280  -8.055  -4.603  1.00 12.64 ? 9   DG  A "C2'" 1 
ATOM   179 C "C1'" . DG  A 1 9  ? 10.824  -7.628  -4.547  1.00 12.31 ? 9   DG  A "C1'" 1 
ATOM   180 N N9    . DG  A 1 9  ? 10.392  -7.358  -3.182  1.00 12.13 ? 9   DG  A N9    1 
ATOM   181 C C8    . DG  A 1 9  ? 9.617   -8.137  -2.355  1.00 12.07 ? 9   DG  A C8    1 
ATOM   182 N N7    . DG  A 1 9  ? 9.419   -7.597  -1.188  1.00 13.24 ? 9   DG  A N7    1 
ATOM   183 C C5    . DG  A 1 9  ? 10.098  -6.390  -1.258  1.00 13.21 ? 9   DG  A C5    1 
ATOM   184 C C6    . DG  A 1 9  ? 10.230  -5.372  -0.303  1.00 12.91 ? 9   DG  A C6    1 
ATOM   185 O O6    . DG  A 1 9  ? 9.729   -5.314  0.838   1.00 11.84 ? 9   DG  A O6    1 
ATOM   186 N N1    . DG  A 1 9  ? 11.040  -4.343  -0.769  1.00 12.25 ? 9   DG  A N1    1 
ATOM   187 C C2    . DG  A 1 9  ? 11.633  -4.294  -2.004  1.00 13.31 ? 9   DG  A C2    1 
ATOM   188 N N2    . DG  A 1 9  ? 12.407  -3.222  -2.270  1.00 14.26 ? 9   DG  A N2    1 
ATOM   189 N N3    . DG  A 1 9  ? 11.487  -5.237  -2.919  1.00 12.55 ? 9   DG  A N3    1 
ATOM   190 C C4    . DG  A 1 9  ? 10.713  -6.245  -2.474  1.00 12.49 ? 9   DG  A C4    1 
ATOM   191 P P     . DC  A 1 10 ? 14.481  -10.617 -4.054  1.00 14.60 ? 10  DC  A P     1 
ATOM   192 O OP1   . DC  A 1 10 ? 15.500  -11.325 -4.883  1.00 20.98 ? 10  DC  A OP1   1 
ATOM   193 O OP2   . DC  A 1 10 ? 13.925  -11.266 -2.846  1.00 14.94 ? 10  DC  A OP2   1 
ATOM   194 O "O5'" . DC  A 1 10 ? 15.102  -9.211  -3.612  1.00 13.22 ? 10  DC  A "O5'" 1 
ATOM   195 C "C5'" . DC  A 1 10 ? 15.711  -8.365  -4.571  1.00 10.24 ? 10  DC  A "C5'" 1 
ATOM   196 C "C4'" . DC  A 1 10 ? 16.275  -7.128  -3.909  1.00 10.62 ? 10  DC  A "C4'" 1 
ATOM   197 O "O4'" . DC  A 1 10 ? 15.203  -6.301  -3.415  1.00 11.81 ? 10  DC  A "O4'" 1 
ATOM   198 C "C3'" . DC  A 1 10 ? 17.172  -7.350  -2.695  1.00 10.15 ? 10  DC  A "C3'" 1 
ATOM   199 O "O3'" . DC  A 1 10 ? 18.497  -7.696  -3.019  1.00 12.50 ? 10  DC  A "O3'" 1 
ATOM   200 C "C2'" . DC  A 1 10 ? 17.082  -6.021  -1.977  1.00 12.13 ? 10  DC  A "C2'" 1 
ATOM   201 C "C1'" . DC  A 1 10 ? 15.649  -5.605  -2.243  1.00 14.90 ? 10  DC  A "C1'" 1 
ATOM   202 N N1    . DC  A 1 10 ? 14.748  -5.953  -1.137  1.00 13.09 ? 10  DC  A N1    1 
ATOM   203 C C2    . DC  A 1 10 ? 14.609  -5.058  -0.105  1.00 11.24 ? 10  DC  A C2    1 
ATOM   204 O O2    . DC  A 1 10 ? 15.255  -3.985  -0.142  1.00 11.69 ? 10  DC  A O2    1 
ATOM   205 N N3    . DC  A 1 10 ? 13.779  -5.349  0.918   1.00 11.60 ? 10  DC  A N3    1 
ATOM   206 C C4    . DC  A 1 10 ? 13.113  -6.497  0.934   1.00 14.10 ? 10  DC  A C4    1 
ATOM   207 N N4    . DC  A 1 10 ? 12.311  -6.742  1.995   1.00 12.84 ? 10  DC  A N4    1 
ATOM   208 C C5    . DC  A 1 10 ? 13.235  -7.447  -0.114  1.00 12.21 ? 10  DC  A C5    1 
ATOM   209 C C6    . DC  A 1 10 ? 14.058  -7.138  -1.124  1.00 12.23 ? 10  DC  A C6    1 
ATOM   210 O "O5'" . DG  B 1 1  ? 10.395  1.240   8.236   1.00 31.68 ? 11  DG  B "O5'" 1 
ATOM   211 C "C5'" . DG  B 1 1  ? 11.332  2.321   8.416   1.00 28.02 ? 11  DG  B "C5'" 1 
ATOM   212 C "C4'" . DG  B 1 1  ? 12.368  2.370   7.315   1.00 22.65 ? 11  DG  B "C4'" 1 
ATOM   213 O "O4'" . DG  B 1 1  ? 13.180  1.170   7.371   1.00 22.46 ? 11  DG  B "O4'" 1 
ATOM   214 C "C3'" . DG  B 1 1  ? 11.814  2.397   5.896   1.00 23.38 ? 11  DG  B "C3'" 1 
ATOM   215 O "O3'" . DG  B 1 1  ? 11.474  3.734   5.473   1.00 20.38 ? 11  DG  B "O3'" 1 
ATOM   216 C "C2'" . DG  B 1 1  ? 12.954  1.792   5.093   1.00 18.31 ? 11  DG  B "C2'" 1 
ATOM   217 C "C1'" . DG  B 1 1  ? 13.537  0.755   6.056   1.00 22.94 ? 11  DG  B "C1'" 1 
ATOM   218 N N9    . DG  B 1 1  ? 13.019  -0.599  5.857   1.00 18.41 ? 11  DG  B N9    1 
ATOM   219 C C8    . DG  B 1 1  ? 12.192  -1.314  6.689   1.00 20.44 ? 11  DG  B C8    1 
ATOM   220 N N7    . DG  B 1 1  ? 11.928  -2.519  6.238   1.00 20.16 ? 11  DG  B N7    1 
ATOM   221 C C5    . DG  B 1 1  ? 12.622  -2.602  5.042   1.00 17.94 ? 11  DG  B C5    1 
ATOM   222 C C6    . DG  B 1 1  ? 12.734  -3.678  4.106   1.00 18.31 ? 11  DG  B C6    1 
ATOM   223 O O6    . DG  B 1 1  ? 12.236  -4.817  4.169   1.00 17.45 ? 11  DG  B O6    1 
ATOM   224 N N1    . DG  B 1 1  ? 13.524  -3.322  3.016   1.00 14.77 ? 11  DG  B N1    1 
ATOM   225 C C2    . DG  B 1 1  ? 14.141  -2.105  2.852   1.00 17.18 ? 11  DG  B C2    1 
ATOM   226 N N2    . DG  B 1 1  ? 14.886  -1.960  1.733   1.00 15.54 ? 11  DG  B N2    1 
ATOM   227 N N3    . DG  B 1 1  ? 14.050  -1.102  3.722   1.00 16.66 ? 11  DG  B N3    1 
ATOM   228 C C4    . DG  B 1 1  ? 13.287  -1.421  4.781   1.00 18.18 ? 11  DG  B C4    1 
ATOM   229 P P     . DC  B 1 2  ? 10.418  3.951   4.286   1.00 21.12 ? 12  DC  B P     1 
ATOM   230 O OP1   . DC  B 1 2  ? 10.240  5.414   4.074   1.00 23.03 ? 12  DC  B OP1   1 
ATOM   231 O OP2   . DC  B 1 2  ? 9.222   3.085   4.504   1.00 23.94 ? 12  DC  B OP2   1 
ATOM   232 O "O5'" . DC  B 1 2  ? 11.181  3.422   2.993   1.00 23.17 ? 12  DC  B "O5'" 1 
ATOM   233 C "C5'" . DC  B 1 2  ? 12.308  4.147   2.480   1.00 19.03 ? 12  DC  B "C5'" 1 
ATOM   234 C "C4'" . DC  B 1 2  ? 12.887  3.441   1.277   1.00 14.13 ? 12  DC  B "C4'" 1 
ATOM   235 O "O4'" . DC  B 1 2  ? 13.377  2.141   1.675   1.00 16.48 ? 12  DC  B "O4'" 1 
ATOM   236 C "C3'" . DC  B 1 2  ? 11.905  3.165   0.149   1.00 17.22 ? 12  DC  B "C3'" 1 
ATOM   237 O "O3'" . DC  B 1 2  ? 11.721  4.314   -0.702  1.00 18.26 ? 12  DC  B "O3'" 1 
ATOM   238 C "C2'" . DC  B 1 2  ? 12.558  1.983   -0.548  1.00 15.48 ? 12  DC  B "C2'" 1 
ATOM   239 C "C1'" . DC  B 1 2  ? 13.152  1.204   0.620   1.00 14.28 ? 12  DC  B "C1'" 1 
ATOM   240 N N1    . DC  B 1 2  ? 12.213  0.183   1.112   1.00 17.49 ? 12  DC  B N1    1 
ATOM   241 C C2    . DC  B 1 2  ? 12.109  -0.989  0.381   1.00 16.12 ? 12  DC  B C2    1 
ATOM   242 O O2    . DC  B 1 2  ? 12.754  -1.071  -0.669  1.00 14.00 ? 12  DC  B O2    1 
ATOM   243 N N3    . DC  B 1 2  ? 11.293  -1.977  0.817   1.00 15.16 ? 12  DC  B N3    1 
ATOM   244 C C4    . DC  B 1 2  ? 10.561  -1.801  1.910   1.00 17.02 ? 12  DC  B C4    1 
ATOM   245 N N4    . DC  B 1 2  ? 9.774   -2.805  2.302   1.00 16.61 ? 12  DC  B N4    1 
ATOM   246 C C5    . DC  B 1 2  ? 10.607  -0.584  2.657   1.00 16.62 ? 12  DC  B C5    1 
ATOM   247 C C6    . DC  B 1 2  ? 11.454  0.367   2.230   1.00 14.76 ? 12  DC  B C6    1 
ATOM   248 P P     . DG  B 1 3  ? 10.287  4.575   -1.382  1.00 24.31 ? 13  DG  B P     1 
ATOM   249 O OP1   . DG  B 1 3  ? 10.313  5.823   -2.207  1.00 24.60 ? 13  DG  B OP1   1 
ATOM   250 O OP2   . DG  B 1 3  ? 9.267   4.407   -0.343  1.00 23.13 ? 13  DG  B OP2   1 
ATOM   251 O "O5'" . DG  B 1 3  ? 10.107  3.375   -2.402  1.00 18.85 ? 13  DG  B "O5'" 1 
ATOM   252 C "C5'" . DG  B 1 3  ? 10.978  3.289   -3.504  1.00 18.02 ? 13  DG  B "C5'" 1 
ATOM   253 C "C4'" . DG  B 1 3  ? 10.769  1.983   -4.214  1.00 19.12 ? 13  DG  B "C4'" 1 
ATOM   254 O "O4'" . DG  B 1 3  ? 11.084  0.884   -3.332  1.00 18.37 ? 13  DG  B "O4'" 1 
ATOM   255 C "C3'" . DG  B 1 3  ? 9.347   1.695   -4.655  1.00 15.51 ? 13  DG  B "C3'" 1 
ATOM   256 O "O3'" . DG  B 1 3  ? 9.002   2.419   -5.828  1.00 17.83 ? 13  DG  B "O3'" 1 
ATOM   257 C "C2'" . DG  B 1 3  ? 9.431   0.203   -4.902  1.00 15.26 ? 13  DG  B "C2'" 1 
ATOM   258 C "C1'" . DG  B 1 3  ? 10.350  -0.261  -3.776  1.00 16.72 ? 13  DG  B "C1'" 1 
ATOM   259 N N9    . DG  B 1 3  ? 9.569   -0.769  -2.654  1.00 16.20 ? 13  DG  B N9    1 
ATOM   260 C C8    . DG  B 1 3  ? 9.310   -0.179  -1.442  1.00 15.34 ? 13  DG  B C8    1 
ATOM   261 N N7    . DG  B 1 3  ? 8.551   -0.909  -0.669  1.00 13.64 ? 13  DG  B N7    1 
ATOM   262 C C5    . DG  B 1 3  ? 8.312   -2.059  -1.414  1.00 13.86 ? 13  DG  B C5    1 
ATOM   263 C C6    . DG  B 1 3  ? 7.566   -3.241  -1.095  1.00 13.37 ? 13  DG  B C6    1 
ATOM   264 O O6    . DG  B 1 3  ? 6.969   -3.520  -0.046  1.00 12.54 ? 13  DG  B O6    1 
ATOM   265 N N1    . DG  B 1 3  ? 7.563   -4.144  -2.158  1.00 11.98 ? 13  DG  B N1    1 
ATOM   266 C C2    . DG  B 1 3  ? 8.194   -3.944  -3.368  1.00 15.27 ? 13  DG  B C2    1 
ATOM   267 N N2    . DG  B 1 3  ? 8.026   -4.903  -4.305  1.00 14.44 ? 13  DG  B N2    1 
ATOM   268 N N3    . DG  B 1 3  ? 8.920   -2.869  -3.654  1.00 15.28 ? 13  DG  B N3    1 
ATOM   269 C C4    . DG  B 1 3  ? 8.928   -1.978  -2.642  1.00 15.37 ? 13  DG  B C4    1 
ATOM   270 P P     . DT  B 1 4  ? 7.456   2.678   -6.155  1.00 15.01 ? 14  DT  B P     1 
ATOM   271 O OP1   . DT  B 1 4  ? 7.442   3.579   -7.346  1.00 15.59 ? 14  DT  B OP1   1 
ATOM   272 O OP2   . DT  B 1 4  ? 6.731   3.045   -4.925  1.00 13.00 ? 14  DT  B OP2   1 
ATOM   273 O "O5'" . DT  B 1 4  ? 6.930   1.254   -6.623  1.00 13.45 ? 14  DT  B "O5'" 1 
ATOM   274 C "C5'" . DT  B 1 4  ? 7.441   0.657   -7.809  1.00 14.07 ? 14  DT  B "C5'" 1 
ATOM   275 C "C4'" . DT  B 1 4  ? 6.751   -0.660  -8.068  1.00 12.94 ? 14  DT  B "C4'" 1 
ATOM   276 O "O4'" . DT  B 1 4  ? 7.148   -1.632  -7.075  1.00 13.96 ? 14  DT  B "O4'" 1 
ATOM   277 C "C3'" . DT  B 1 4  ? 5.233   -0.611  -7.972  1.00 11.95 ? 14  DT  B "C3'" 1 
ATOM   278 O "O3'" . DT  B 1 4  ? 4.627   -0.129  -9.179  1.00 14.51 ? 14  DT  B "O3'" 1 
ATOM   279 C "C2'" . DT  B 1 4  ? 4.899   -2.065  -7.724  1.00 13.80 ? 14  DT  B "C2'" 1 
ATOM   280 C "C1'" . DT  B 1 4  ? 6.058   -2.522  -6.838  1.00 12.74 ? 14  DT  B "C1'" 1 
ATOM   281 N N1    . DT  B 1 4  ? 5.663   -2.413  -5.422  1.00 14.03 ? 14  DT  B N1    1 
ATOM   282 C C2    . DT  B 1 4  ? 4.949   -3.471  -4.889  1.00 11.19 ? 14  DT  B C2    1 
ATOM   283 O O2    . DT  B 1 4  ? 4.669   -4.470  -5.532  1.00 13.10 ? 14  DT  B O2    1 
ATOM   284 N N3    . DT  B 1 4  ? 4.550   -3.302  -3.595  1.00 13.20 ? 14  DT  B N3    1 
ATOM   285 C C4    . DT  B 1 4  ? 4.758   -2.196  -2.794  1.00 13.34 ? 14  DT  B C4    1 
ATOM   286 O O4    . DT  B 1 4  ? 4.312   -2.173  -1.645  1.00 11.37 ? 14  DT  B O4    1 
ATOM   287 C C5    . DT  B 1 4  ? 5.503   -1.120  -3.412  1.00 11.52 ? 14  DT  B C5    1 
ATOM   288 C C7    . DT  B 1 4  ? 5.717   0.135   -2.639  1.00 11.44 ? 14  DT  B C7    1 
ATOM   289 C C6    . DT  B 1 4  ? 5.945   -1.291  -4.670  1.00 12.61 ? 14  DT  B C6    1 
ATOM   290 P P     . DA  B 1 5  ? 3.169   0.531   -9.116  1.00 18.06 ? 15  DA  B P     1 
ATOM   291 O OP1   . DA  B 1 5  ? 2.930   1.139   -10.463 1.00 20.30 ? 15  DA  B OP1   1 
ATOM   292 O OP2   . DA  B 1 5  ? 3.041   1.358   -7.917  1.00 16.18 ? 15  DA  B OP2   1 
ATOM   293 O "O5'" . DA  B 1 5  ? 2.193   -0.716  -8.941  1.00 13.47 ? 15  DA  B "O5'" 1 
ATOM   294 C "C5'" . DA  B 1 5  ? 2.152   -1.745  -9.919  1.00 20.13 ? 15  DA  B "C5'" 1 
ATOM   295 C "C4'" . DA  B 1 5  ? 1.365   -2.916  -9.388  1.00 17.55 ? 15  DA  B "C4'" 1 
ATOM   296 O "O4'" . DA  B 1 5  ? 2.011   -3.473  -8.226  1.00 14.96 ? 15  DA  B "O4'" 1 
ATOM   297 C "C3'" . DA  B 1 5  ? -0.026  -2.546  -8.898  1.00 16.38 ? 15  DA  B "C3'" 1 
ATOM   298 O "O3'" . DA  B 1 5  ? -0.927  -2.454  -9.988  1.00 15.81 ? 15  DA  B "O3'" 1 
ATOM   299 C "C2'" . DA  B 1 5  ? -0.348  -3.690  -7.955  1.00 14.12 ? 15  DA  B "C2'" 1 
ATOM   300 C "C1'" . DA  B 1 5  ? 1.015   -3.949  -7.312  1.00 14.21 ? 15  DA  B "C1'" 1 
ATOM   301 N N9    . DA  B 1 5  ? 1.192   -3.227  -6.056  1.00 13.02 ? 15  DA  B N9    1 
ATOM   302 C C8    . DA  B 1 5  ? 1.830   -2.040  -5.832  1.00 13.54 ? 15  DA  B C8    1 
ATOM   303 N N7    . DA  B 1 5  ? 1.852   -1.678  -4.565  1.00 14.73 ? 15  DA  B N7    1 
ATOM   304 C C5    . DA  B 1 5  ? 1.161   -2.692  -3.918  1.00 12.73 ? 15  DA  B C5    1 
ATOM   305 C C6    . DA  B 1 5  ? 0.820   -2.903  -2.558  1.00 11.71 ? 15  DA  B C6    1 
ATOM   306 N N6    . DA  B 1 5  ? 1.168   -2.086  -1.560  1.00 12.93 ? 15  DA  B N6    1 
ATOM   307 N N1    . DA  B 1 5  ? 0.114   -4.005  -2.267  1.00 13.30 ? 15  DA  B N1    1 
ATOM   308 C C2    . DA  B 1 5  ? -0.227  -4.847  -3.259  1.00 10.03 ? 15  DA  B C2    1 
ATOM   309 N N3    . DA  B 1 5  ? 0.039   -4.763  -4.566  1.00 15.65 ? 15  DA  B N3    1 
ATOM   310 C C4    . DA  B 1 5  ? 0.743   -3.650  -4.826  1.00 14.60 ? 15  DA  B C4    1 
HETATM 311 P P     . 2OT B 1 6  ? -2.262  -1.578  -9.843  1.00 15.05 ? 16  2OT B P     1 
HETATM 312 O OP1   . 2OT B 1 6  ? -2.859  -1.552  -11.221 1.00 19.93 ? 16  2OT B OP1   1 
HETATM 313 O OP2   . 2OT B 1 6  ? -1.977  -0.314  -9.154  1.00 17.16 ? 16  2OT B OP2   1 
HETATM 314 O "O5'" . 2OT B 1 6  ? -3.205  -2.441  -8.911  1.00 13.31 ? 16  2OT B "O5'" 1 
HETATM 315 C "C5'" . 2OT B 1 6  ? -3.748  -3.679  -9.365  1.00 15.08 ? 16  2OT B "C5'" 1 
HETATM 316 C "C4'" . 2OT B 1 6  ? -4.501  -4.333  -8.240  1.00 13.23 ? 16  2OT B "C4'" 1 
HETATM 317 O "O4'" . 2OT B 1 6  ? -3.572  -4.674  -7.170  1.00 12.36 ? 16  2OT B "O4'" 1 
HETATM 318 C "C1'" . 2OT B 1 6  ? -4.239  -4.582  -5.911  1.00 12.21 ? 16  2OT B "C1'" 1 
HETATM 319 N N1    . 2OT B 1 6  ? -3.560  -3.560  -5.063  1.00 10.16 ? 16  2OT B N1    1 
HETATM 320 C C6    . 2OT B 1 6  ? -2.829  -2.529  -5.619  1.00 10.78 ? 16  2OT B C6    1 
HETATM 321 C C2    . 2OT B 1 6  ? -3.693  -3.691  -3.688  1.00 11.32 ? 16  2OT B C2    1 
HETATM 322 O O2    . 2OT B 1 6  ? -4.377  -4.582  -3.168  1.00 13.18 ? 16  2OT B O2    1 
HETATM 323 N N3    . 2OT B 1 6  ? -3.015  -2.733  -2.949  1.00 9.67  ? 16  2OT B N3    1 
HETATM 324 C C4    . 2OT B 1 6  ? -2.262  -1.675  -3.454  1.00 11.67 ? 16  2OT B C4    1 
HETATM 325 O O4    . 2OT B 1 6  ? -1.700  -0.891  -2.697  1.00 12.08 ? 16  2OT B O4    1 
HETATM 326 C C5    . 2OT B 1 6  ? -2.188  -1.591  -4.895  1.00 11.30 ? 16  2OT B C5    1 
HETATM 327 C C5M   . 2OT B 1 6  ? -1.392  -0.485  -5.511  1.00 12.59 ? 16  2OT B C5M   1 
HETATM 328 C "C2'" . 2OT B 1 6  ? -5.675  -4.147  -6.203  1.00 13.14 ? 16  2OT B "C2'" 1 
HETATM 329 O "O2'" . 2OT B 1 6  ? -6.423  -5.346  -6.420  1.00 15.30 ? 16  2OT B "O2'" 1 
HETATM 330 C "CB'" . 2OT B 1 6  ? -6.666  -6.178  -5.271  1.00 17.05 ? 16  2OT B "CB'" 1 
HETATM 331 C "CC'" . 2OT B 1 6  ? -7.816  -7.139  -5.552  1.00 17.80 ? 16  2OT B "CC'" 1 
HETATM 332 O "OD'" . 2OT B 1 6  ? -9.025  -6.400  -5.723  1.00 18.88 ? 16  2OT B "OD'" 1 
HETATM 333 N "NE'" . 2OT B 1 6  ? -10.103 -7.194  -5.935  1.00 24.52 ? 16  2OT B "NE'" 1 
HETATM 334 C "CF'" . 2OT B 1 6  ? -10.954 -6.664  -6.985  1.00 22.65 ? 16  2OT B "CF'" 1 
HETATM 335 C "CG'" . 2OT B 1 6  ? -10.839 -7.427  -4.709  1.00 23.45 ? 16  2OT B "CG'" 1 
HETATM 336 C "C3'" . 2OT B 1 6  ? -5.494  -3.426  -7.533  1.00 13.79 ? 16  2OT B "C3'" 1 
HETATM 337 O "O3'" . 2OT B 1 6  ? -6.713  -3.253  -8.233  1.00 17.17 ? 16  2OT B "O3'" 1 
ATOM   338 P P     . DA  B 1 7  ? -7.530  -1.881  -8.084  1.00 16.73 ? 17  DA  B P     1 
ATOM   339 O OP1   . DA  B 1 7  ? -8.596  -1.961  -9.139  1.00 18.24 ? 17  DA  B OP1   1 
ATOM   340 O OP2   . DA  B 1 7  ? -6.650  -0.684  -8.025  1.00 20.05 ? 17  DA  B OP2   1 
ATOM   341 O "O5'" . DA  B 1 7  ? -8.204  -1.988  -6.638  1.00 14.80 ? 17  DA  B "O5'" 1 
ATOM   342 C "C5'" . DA  B 1 7  ? -9.200  -2.986  -6.357  1.00 14.15 ? 17  DA  B "C5'" 1 
ATOM   343 C "C4'" . DA  B 1 7  ? -9.564  -2.969  -4.889  1.00 13.90 ? 17  DA  B "C4'" 1 
ATOM   344 O "O4'" . DA  B 1 7  ? -8.432  -3.359  -4.079  1.00 12.20 ? 17  DA  B "O4'" 1 
ATOM   345 C "C3'" . DA  B 1 7  ? -9.972  -1.625  -4.298  1.00 14.91 ? 17  DA  B "C3'" 1 
ATOM   346 O "O3'" . DA  B 1 7  ? -11.311 -1.244  -4.620  1.00 16.88 ? 17  DA  B "O3'" 1 
ATOM   347 C "C2'" . DA  B 1 7  ? -9.779  -1.879  -2.817  1.00 12.00 ? 17  DA  B "C2'" 1 
ATOM   348 C "C1'" . DA  B 1 7  ? -8.515  -2.716  -2.804  1.00 14.22 ? 17  DA  B "C1'" 1 
ATOM   349 N N9    . DA  B 1 7  ? -7.325  -1.871  -2.641  1.00 12.21 ? 17  DA  B N9    1 
ATOM   350 C C8    . DA  B 1 7  ? -6.495  -1.324  -3.593  1.00 11.92 ? 17  DA  B C8    1 
ATOM   351 N N7    . DA  B 1 7  ? -5.527  -0.590  -3.094  1.00 11.79 ? 17  DA  B N7    1 
ATOM   352 C C5    . DA  B 1 7  ? -5.728  -0.667  -1.721  1.00 11.04 ? 17  DA  B C5    1 
ATOM   353 C C6    . DA  B 1 7  ? -5.038  -0.107  -0.635  1.00 11.02 ? 17  DA  B C6    1 
ATOM   354 N N6    . DA  B 1 7  ? -3.932  0.651   -0.780  1.00 10.89 ? 17  DA  B N6    1 
ATOM   355 N N1    . DA  B 1 7  ? -5.514  -0.356  0.610   1.00 10.70 ? 17  DA  B N1    1 
ATOM   356 C C2    . DA  B 1 7  ? -6.608  -1.138  0.745   1.00 10.37 ? 17  DA  B C2    1 
ATOM   357 N N3    . DA  B 1 7  ? -7.336  -1.738  -0.209  1.00 11.81 ? 17  DA  B N3    1 
ATOM   358 C C4    . DA  B 1 7  ? -6.834  -1.452  -1.429  1.00 10.23 ? 17  DA  B C4    1 
ATOM   359 P P     . DC  B 1 8  ? -11.616 0.303   -4.964  1.00 19.05 ? 18  DC  B P     1 
ATOM   360 O OP1   . DC  B 1 8  ? -13.003 0.358   -5.433  1.00 23.40 ? 18  DC  B OP1   1 
ATOM   361 O OP2   . DC  B 1 8  ? -10.545 0.885   -5.798  1.00 20.37 ? 18  DC  B OP2   1 
ATOM   362 O "O5'" . DC  B 1 8  ? -11.531 1.000   -3.524  1.00 16.76 ? 18  DC  B "O5'" 1 
ATOM   363 C "C5'" . DC  B 1 8  ? -12.402 0.566   -2.473  1.00 16.64 ? 18  DC  B "C5'" 1 
ATOM   364 C "C4'" . DC  B 1 8  ? -11.942 1.087   -1.131  1.00 18.19 ? 18  DC  B "C4'" 1 
ATOM   365 O "O4'" . DC  B 1 8  ? -10.644 0.548   -0.819  1.00 14.54 ? 18  DC  B "O4'" 1 
ATOM   366 C "C3'" . DC  B 1 8  ? -11.777 2.593   -0.960  1.00 15.68 ? 18  DC  B "C3'" 1 
ATOM   367 O "O3'" . DC  B 1 8  ? -13.007 3.239   -0.651  1.00 21.09 ? 18  DC  B "O3'" 1 
ATOM   368 C "C2'" . DC  B 1 8  ? -10.845 2.676   0.236   1.00 15.63 ? 18  DC  B "C2'" 1 
ATOM   369 C "C1'" . DC  B 1 8  ? -9.945  1.459   0.043   1.00 13.55 ? 18  DC  B "C1'" 1 
ATOM   370 N N1    . DC  B 1 8  ? -8.697  1.877   -0.615  1.00 12.58 ? 18  DC  B N1    1 
ATOM   371 C C2    . DC  B 1 8  ? -7.670  2.355   0.206   1.00 12.55 ? 18  DC  B C2    1 
ATOM   372 O O2    . DC  B 1 8  ? -7.842  2.331   1.432   1.00 11.77 ? 18  DC  B O2    1 
ATOM   373 N N3    . DC  B 1 8  ? -6.534  2.834   -0.345  1.00 13.25 ? 18  DC  B N3    1 
ATOM   374 C C4    . DC  B 1 8  ? -6.390  2.846   -1.669  1.00 13.21 ? 18  DC  B C4    1 
ATOM   375 N N4    . DC  B 1 8  ? -5.251  3.375   -2.164  1.00 14.09 ? 18  DC  B N4    1 
ATOM   376 C C5    . DC  B 1 8  ? -7.407  2.331   -2.547  1.00 12.99 ? 18  DC  B C5    1 
ATOM   377 C C6    . DC  B 1 8  ? -8.540  1.854   -1.976  1.00 14.97 ? 18  DC  B C6    1 
ATOM   378 P P     . DG  B 1 9  ? -13.142 4.826   -0.863  1.00 20.33 ? 19  DG  B P     1 
ATOM   379 O OP1   . DG  B 1 9  ? -14.559 5.105   -0.561  1.00 25.56 ? 19  DG  B OP1   1 
ATOM   380 O OP2   . DG  B 1 9  ? -12.532 5.314   -2.110  1.00 22.54 ? 19  DG  B OP2   1 
ATOM   381 O "O5'" . DG  B 1 9  ? -12.241 5.467   0.290   1.00 20.95 ? 19  DG  B "O5'" 1 
ATOM   382 C "C5'" . DG  B 1 9  ? -12.645 5.386   1.649   1.00 20.78 ? 19  DG  B "C5'" 1 
ATOM   383 C "C4'" . DG  B 1 9  ? -11.532 5.837   2.565   1.00 11.56 ? 19  DG  B "C4'" 1 
ATOM   384 O "O4'" . DG  B 1 9  ? -10.301 5.154   2.258   1.00 13.86 ? 19  DG  B "O4'" 1 
ATOM   385 C "C3'" . DG  B 1 9  ? -11.144 7.315   2.529   1.00 14.21 ? 19  DG  B "C3'" 1 
ATOM   386 O "O3'" . DG  B 1 9  ? -12.022 8.099   3.338   1.00 13.01 ? 19  DG  B "O3'" 1 
ATOM   387 C "C2'" . DG  B 1 9  ? -9.750  7.297   3.128   1.00 12.13 ? 19  DG  B "C2'" 1 
ATOM   388 C "C1'" . DG  B 1 9  ? -9.196  5.990   2.608   1.00 13.33 ? 19  DG  B "C1'" 1 
ATOM   389 N N9    . DG  B 1 9  ? -8.346  6.191   1.436   1.00 10.48 ? 19  DG  B N9    1 
ATOM   390 C C8    . DG  B 1 9  ? -8.534  5.804   0.134   1.00 12.24 ? 19  DG  B C8    1 
ATOM   391 N N7    . DG  B 1 9  ? -7.509  6.085   -0.633  1.00 11.79 ? 19  DG  B N7    1 
ATOM   392 C C5    . DG  B 1 9  ? -6.599  6.702   0.218   1.00 10.27 ? 19  DG  B C5    1 
ATOM   393 C C6    . DG  B 1 9  ? -5.286  7.210   -0.024  1.00 12.25 ? 19  DG  B C6    1 
ATOM   394 O O6    . DG  B 1 9  ? -4.610  7.154   -1.057  1.00 11.28 ? 19  DG  B O6    1 
ATOM   395 N N1    . DG  B 1 9  ? -4.754  7.806   1.112   1.00 11.19 ? 19  DG  B N1    1 
ATOM   396 C C2    . DG  B 1 9  ? -5.378  7.879   2.330   1.00 12.05 ? 19  DG  B C2    1 
ATOM   397 N N2    . DG  B 1 9  ? -4.700  8.506   3.311   1.00 10.53 ? 19  DG  B N2    1 
ATOM   398 N N3    . DG  B 1 9  ? -6.575  7.381   2.573   1.00 9.75  ? 19  DG  B N3    1 
ATOM   399 C C4    . DG  B 1 9  ? -7.118  6.813   1.482   1.00 10.76 ? 19  DG  B C4    1 
ATOM   400 P P     . DC  B 1 10 ? -12.215 9.675   3.020   1.00 14.44 ? 20  DC  B P     1 
ATOM   401 O OP1   . DC  B 1 10 ? -13.294 10.127  3.928   1.00 15.23 ? 20  DC  B OP1   1 
ATOM   402 O OP2   . DC  B 1 10 ? -12.311 9.893   1.574   1.00 13.44 ? 20  DC  B OP2   1 
ATOM   403 O "O5'" . DC  B 1 10 ? -10.829 10.335  3.446   1.00 13.26 ? 20  DC  B "O5'" 1 
ATOM   404 C "C5'" . DC  B 1 10 ? -10.452 10.452  4.833   1.00 11.60 ? 20  DC  B "C5'" 1 
ATOM   405 C "C4'" . DC  B 1 10 ? -9.157  11.210  4.946   1.00 13.43 ? 20  DC  B "C4'" 1 
ATOM   406 O "O4'" . DC  B 1 10 ? -8.105  10.478  4.286   1.00 11.59 ? 20  DC  B "O4'" 1 
ATOM   407 C "C3'" . DC  B 1 10 ? -9.161  12.563  4.250   1.00 11.53 ? 20  DC  B "C3'" 1 
ATOM   408 O "O3'" . DC  B 1 10 ? -9.681  13.570  5.108   1.00 15.87 ? 20  DC  B "O3'" 1 
ATOM   409 C "C2'" . DC  B 1 10 ? -7.689  12.801  3.977   1.00 11.19 ? 20  DC  B "C2'" 1 
ATOM   410 C "C1'" . DC  B 1 10 ? -7.131  11.401  3.773   1.00 10.88 ? 20  DC  B "C1'" 1 
ATOM   411 N N1    . DC  B 1 10 ? -6.910  11.086  2.355   1.00 11.91 ? 20  DC  B N1    1 
ATOM   412 C C2    . DC  B 1 10 ? -5.696  11.433  1.787   1.00 10.04 ? 20  DC  B C2    1 
ATOM   413 O O2    . DC  B 1 10 ? -4.871  12.075  2.479   1.00 12.48 ? 20  DC  B O2    1 
ATOM   414 N N3    . DC  B 1 10 ? -5.449  11.080  0.501   1.00 13.66 ? 20  DC  B N3    1 
ATOM   415 C C4    . DC  B 1 10 ? -6.380  10.416  -0.199  1.00 14.04 ? 20  DC  B C4    1 
ATOM   416 N N4    . DC  B 1 10 ? -6.078  10.040  -1.456  1.00 15.63 ? 20  DC  B N4    1 
ATOM   417 C C5    . DC  B 1 10 ? -7.647  10.103  0.345   1.00 13.07 ? 20  DC  B C5    1 
ATOM   418 C C6    . DC  B 1 10 ? -7.871  10.454  1.618   1.00 13.83 ? 20  DC  B C6    1 
HETATM 419 N N1    . SPM C 2 .  ? -13.034 4.866   -4.690  1.00 26.83 ? 100 SPM B N1    1 
HETATM 420 C C2    . SPM C 2 .  ? -13.555 6.165   -5.268  1.00 30.21 ? 100 SPM B C2    1 
HETATM 421 C C3    . SPM C 2 .  ? -12.616 7.332   -4.976  1.00 30.22 ? 100 SPM B C3    1 
HETATM 422 C C4    . SPM C 2 .  ? -13.382 8.608   -4.635  1.00 30.51 ? 100 SPM B C4    1 
HETATM 423 N N5    . SPM C 2 .  ? -12.491 9.660   -4.149  1.00 30.97 ? 100 SPM B N5    1 
HETATM 424 C C6    . SPM C 2 .  ? -13.048 10.982  -4.443  1.00 30.97 ? 100 SPM B C6    1 
HETATM 425 C C7    . SPM C 2 .  ? -13.304 11.823  -3.189  1.00 32.61 ? 100 SPM B C7    1 
HETATM 426 C C8    . SPM C 2 .  ? -14.415 11.271  -2.296  1.00 28.17 ? 100 SPM B C8    1 
HETATM 427 C C9    . SPM C 2 .  ? -13.957 10.069  -1.458  1.00 29.57 ? 100 SPM B C9    1 
HETATM 428 N N10   . SPM C 2 .  ? -14.883 9.758   -0.359  1.00 25.85 ? 100 SPM B N10   1 
HETATM 429 C C11   A SPM C 2 .  ? -15.116 8.314   -0.325  0.50 27.20 ? 100 SPM B C11   1 
HETATM 430 C C11   B SPM C 2 .  ? -14.890 10.859  0.599   0.50 23.90 ? 100 SPM B C11   1 
HETATM 431 C C12   A SPM C 2 .  ? -15.497 7.753   -1.692  0.50 27.33 ? 100 SPM B C12   1 
HETATM 432 C C12   B SPM C 2 .  ? -16.268 11.163  1.176   0.50 24.27 ? 100 SPM B C12   1 
HETATM 433 C C13   A SPM C 2 .  ? -16.438 6.561   -1.552  0.50 28.56 ? 100 SPM B C13   1 
HETATM 434 C C13   B SPM C 2 .  ? -16.659 10.155  2.238   0.50 23.71 ? 100 SPM B C13   1 
HETATM 435 N N14   A SPM C 2 .  ? -16.171 5.440   -2.509  0.50 28.50 ? 100 SPM B N14   1 
HETATM 436 N N14   B SPM C 2 .  ? -17.494 10.804  3.286   0.50 24.76 ? 100 SPM B N14   1 
HETATM 437 O O     . HOH D 3 .  ? 1.046   -7.700  5.045   1.00 14.08 ? 101 HOH A O     1 
HETATM 438 O O     . HOH D 3 .  ? 2.652   -6.511  3.024   1.00 12.90 ? 102 HOH A O     1 
HETATM 439 O O     . HOH D 3 .  ? -6.700  -5.300  2.448   1.00 16.13 ? 104 HOH A O     1 
HETATM 440 O O     . HOH D 3 .  ? -2.181  11.195  5.405   1.00 17.00 ? 107 HOH A O     1 
HETATM 441 O O     . HOH D 3 .  ? 13.065  -4.518  -5.017  1.00 20.52 ? 109 HOH A O     1 
HETATM 442 O O     . HOH D 3 .  ? -1.035  0.015   7.057   1.00 20.31 ? 110 HOH A O     1 
HETATM 443 O O     . HOH D 3 .  ? -3.491  -4.440  11.415  1.00 20.38 ? 111 HOH A O     1 
HETATM 444 O O     . HOH D 3 .  ? 3.662   -4.021  2.992   1.00 21.40 ? 116 HOH A O     1 
HETATM 445 O O     . HOH D 3 .  ? 8.448   -8.985  1.021   1.00 24.56 ? 117 HOH A O     1 
HETATM 446 O O     . HOH D 3 .  ? -6.982  -7.631  4.018   1.00 23.05 ? 118 HOH A O     1 
HETATM 447 O O     . HOH D 3 .  ? 5.505   -7.453  3.422   1.00 27.55 ? 119 HOH A O     1 
HETATM 448 O O     A HOH D 3 .  ? 0.645   -0.394  3.066   0.60 15.52 ? 121 HOH A O     1 
HETATM 449 O O     B HOH D 3 .  ? 0.062   0.313   1.361   0.40 26.16 ? 121 HOH A O     1 
HETATM 450 O O     . HOH D 3 .  ? 2.215   6.566   3.133   1.00 18.53 ? 123 HOH A O     1 
HETATM 451 O O     . HOH D 3 .  ? -6.694  -10.398 3.249   1.00 24.59 ? 125 HOH A O     1 
HETATM 452 O O     . HOH D 3 .  ? 2.223   2.753   6.220   1.00 31.07 ? 128 HOH A O     1 
HETATM 453 O O     . HOH D 3 .  ? 11.042  -9.427  1.885   1.00 27.71 ? 132 HOH A O     1 
HETATM 454 O O     . HOH D 3 .  ? 8.705   -6.541  2.978   1.00 25.71 ? 133 HOH A O     1 
HETATM 455 O O     . HOH D 3 .  ? 0.434   7.030   -3.074  1.00 28.04 ? 134 HOH A O     1 
HETATM 456 O O     . HOH D 3 .  ? 3.102   7.998   -2.687  1.00 32.72 ? 135 HOH A O     1 
HETATM 457 O O     . HOH D 3 .  ? 1.701   3.836   2.872   1.00 30.99 ? 136 HOH A O     1 
HETATM 458 O O     . HOH D 3 .  ? 11.692  -10.886 -0.716  1.00 29.67 ? 137 HOH A O     1 
HETATM 459 O O     . HOH D 3 .  ? -4.645  0.405   12.700  1.00 30.03 ? 139 HOH A O     1 
HETATM 460 O O     . HOH D 3 .  ? 6.979   -11.240 1.447   1.00 32.73 ? 141 HOH A O     1 
HETATM 461 O O     . HOH D 3 .  ? -2.470  5.293   -2.841  1.00 33.45 ? 142 HOH A O     1 
HETATM 462 O O     . HOH D 3 .  ? 3.321   6.735   0.534   1.00 29.62 ? 145 HOH A O     1 
HETATM 463 O O     . HOH D 3 .  ? -8.079  -10.341 -2.547  1.00 29.12 ? 146 HOH A O     1 
HETATM 464 O O     . HOH D 3 .  ? 6.391   9.684   7.276   1.00 26.70 ? 147 HOH A O     1 
HETATM 465 O O     . HOH D 3 .  ? 3.675   -10.530 2.879   1.00 37.83 ? 149 HOH A O     1 
HETATM 466 O O     . HOH D 3 .  ? 7.248   9.680   3.169   1.00 26.56 ? 151 HOH A O     1 
HETATM 467 O O     . HOH D 3 .  ? 3.389   -7.859  6.711   1.00 32.78 ? 152 HOH A O     1 
HETATM 468 O O     . HOH D 3 .  ? 2.776   -2.004  2.461   1.00 32.72 ? 157 HOH A O     1 
HETATM 469 O O     . HOH D 3 .  ? 0.345   -4.543  8.323   1.00 33.54 ? 158 HOH A O     1 
HETATM 470 O O     . HOH D 3 .  ? 13.675  -13.600 -2.145  1.00 34.09 ? 160 HOH A O     1 
HETATM 471 O O     . HOH D 3 .  ? 8.204   6.899   6.686   1.00 48.60 ? 164 HOH A O     1 
HETATM 472 O O     A HOH D 3 .  ? -2.685  9.130   7.498   0.70 23.02 ? 167 HOH A O     1 
HETATM 473 O O     B HOH D 3 .  ? -2.567  9.005   9.365   0.30 23.79 ? 167 HOH A O     1 
HETATM 474 O O     . HOH D 3 .  ? -2.809  -16.637 4.185   1.00 43.05 ? 168 HOH A O     1 
HETATM 475 O O     . HOH D 3 .  ? 6.124   7.331   3.512   1.00 34.58 ? 172 HOH A O     1 
HETATM 476 O O     . HOH D 3 .  ? -0.833  -1.594  12.644  1.00 42.26 ? 173 HOH A O     1 
HETATM 477 O O     . HOH D 3 .  ? 2.486   14.743  -5.833  1.00 35.43 ? 174 HOH A O     1 
HETATM 478 O O     A HOH D 3 .  ? -6.046  2.200   11.998  0.60 18.19 ? 176 HOH A O     1 
HETATM 479 O O     B HOH D 3 .  ? -7.680  2.348   12.624  0.40 15.81 ? 176 HOH A O     1 
HETATM 480 O O     . HOH D 3 .  ? -1.497  -8.423  -3.008  1.00 32.03 ? 177 HOH A O     1 
HETATM 481 O O     . HOH D 3 .  ? -4.256  9.026   -4.791  0.50 36.23 ? 178 HOH A O     1 
HETATM 482 O O     . HOH D 3 .  ? 2.995   -0.600  14.033  1.00 41.47 ? 180 HOH A O     1 
HETATM 483 O O     . HOH D 3 .  ? -0.579  2.377   -0.026  1.00 38.46 ? 183 HOH A O     1 
HETATM 484 O O     . HOH D 3 .  ? 4.249   -10.508 5.569   1.00 38.37 ? 185 HOH A O     1 
HETATM 485 O O     . HOH D 3 .  ? 4.956   2.803   3.720   0.50 33.01 ? 186 HOH A O     1 
HETATM 486 O O     . HOH D 3 .  ? 7.061   -15.499 -0.560  1.00 39.19 ? 189 HOH A O     1 
HETATM 487 O O     . HOH D 3 .  ? -3.643  -13.330 3.815   1.00 34.58 ? 190 HOH A O     1 
HETATM 488 O O     A HOH D 3 .  ? 5.852   5.642   1.848   0.50 37.28 ? 194 HOH A O     1 
HETATM 489 O O     B HOH D 3 .  ? 6.011   5.024   3.261   0.50 30.51 ? 194 HOH A O     1 
HETATM 490 O O     . HOH D 3 .  ? 5.422   14.076  -5.463  0.50 39.18 ? 196 HOH A O     1 
HETATM 491 O O     . HOH D 3 .  ? 7.801   12.372  -1.152  1.00 41.56 ? 197 HOH A O     1 
HETATM 492 O O     . HOH D 3 .  ? -2.780  -13.298 7.879   0.50 35.53 ? 198 HOH A O     1 
HETATM 493 O O     . HOH D 3 .  ? 0.703   -2.098  6.380   1.00 43.11 ? 201 HOH A O     1 
HETATM 494 O O     . HOH D 3 .  ? -4.619  -9.995  8.443   0.50 31.86 ? 204 HOH A O     1 
HETATM 495 O O     . HOH D 3 .  ? -0.757  -15.336 6.912   0.50 30.05 ? 205 HOH A O     1 
HETATM 496 O O     . HOH D 3 .  ? -1.352  1.931   12.662  0.50 32.08 ? 207 HOH A O     1 
HETATM 497 O O     . HOH D 3 .  ? 0.104   0.322   13.554  0.50 31.82 ? 208 HOH A O     1 
HETATM 498 O O     . HOH D 3 .  ? -1.098  -4.941  10.914  1.00 39.09 ? 209 HOH A O     1 
HETATM 499 O O     . HOH D 3 .  ? 5.523   -6.581  5.868   0.50 34.53 ? 211 HOH A O     1 
HETATM 500 O O     . HOH D 3 .  ? 2.734   -16.223 -2.324  1.00 46.85 ? 212 HOH A O     1 
HETATM 501 O O     . HOH D 3 .  ? -4.493  -6.250  9.588   1.00 37.86 ? 215 HOH A O     1 
HETATM 502 O O     . HOH D 3 .  ? -4.775  -11.992 1.862   1.00 40.14 ? 216 HOH A O     1 
HETATM 503 O O     . HOH D 3 .  ? -4.411  -13.605 6.189   1.00 45.00 ? 217 HOH A O     1 
HETATM 504 O O     . HOH D 3 .  ? 7.562   8.517   -1.305  1.00 46.27 ? 218 HOH A O     1 
HETATM 505 O O     . HOH D 3 .  ? 0.537   4.848   -0.197  1.00 34.57 ? 221 HOH A O     1 
HETATM 506 O O     . HOH D 3 .  ? 4.086   -0.019  3.682   0.50 31.44 ? 223 HOH A O     1 
HETATM 507 O O     . HOH D 3 .  ? 1.708   -3.695  12.448  0.50 29.63 ? 224 HOH A O     1 
HETATM 508 O O     . HOH E 3 .  ? -5.552  11.389  6.924   1.00 12.25 ? 103 HOH B O     1 
HETATM 509 O O     . HOH E 3 .  ? -4.299  1.291   -4.840  1.00 19.91 ? 105 HOH B O     1 
HETATM 510 O O     . HOH E 3 .  ? -4.326  13.099  5.109   1.00 15.51 ? 106 HOH B O     1 
HETATM 511 O O     . HOH E 3 .  ? -7.574  -6.057  -8.970  1.00 20.89 ? 108 HOH B O     1 
HETATM 512 O O     . HOH E 3 .  ? -7.875  12.909  7.604   1.00 24.10 ? 112 HOH B O     1 
HETATM 513 O O     . HOH E 3 .  ? -4.127  0.340   -7.472  1.00 17.17 ? 113 HOH B O     1 
HETATM 514 O O     . HOH E 3 .  ? -12.563 -4.894  -2.656  1.00 30.35 ? 114 HOH B O     1 
HETATM 515 O O     . HOH E 3 .  ? -8.651  -4.219  0.453   1.00 19.34 ? 115 HOH B O     1 
HETATM 516 O O     . HOH E 3 .  ? -8.067  8.842   -3.437  1.00 25.26 ? 120 HOH B O     1 
HETATM 517 O O     . HOH E 3 .  ? 7.039   -0.242  1.585   1.00 27.01 ? 122 HOH B O     1 
HETATM 518 O O     . HOH E 3 .  ? 3.658   3.273   -11.898 1.00 32.24 ? 124 HOH B O     1 
HETATM 519 O O     . HOH E 3 .  ? 4.640   -0.821  0.866   1.00 26.55 ? 126 HOH B O     1 
HETATM 520 O O     A HOH E 3 .  ? 6.574   -3.809  2.916   0.70 16.45 ? 127 HOH B O     1 
HETATM 521 O O     B HOH E 3 .  ? 6.990   -5.387  4.021   0.30 20.30 ? 127 HOH B O     1 
HETATM 522 O O     . HOH E 3 .  ? 3.835   2.340   -5.173  1.00 31.07 ? 129 HOH B O     1 
HETATM 523 O O     . HOH E 3 .  ? -2.834  -3.377  -13.170 1.00 24.39 ? 130 HOH B O     1 
HETATM 524 O O     . HOH E 3 .  ? -12.188 13.346  6.159   1.00 27.44 ? 131 HOH B O     1 
HETATM 525 O O     . HOH E 3 .  ? -7.730  6.366   -3.387  1.00 21.72 ? 138 HOH B O     1 
HETATM 526 O O     . HOH E 3 .  ? -15.139 12.168  3.479   1.00 32.28 ? 140 HOH B O     1 
HETATM 527 O O     A HOH E 3 .  ? -10.573 8.687   -0.767  0.50 16.32 ? 143 HOH B O     1 
HETATM 528 O O     B HOH E 3 .  ? -10.673 7.266   -1.998  0.50 21.39 ? 143 HOH B O     1 
HETATM 529 O O     . HOH E 3 .  ? -3.776  -7.407  -3.913  1.00 24.74 ? 144 HOH B O     1 
HETATM 530 O O     . HOH E 3 .  ? -2.094  2.535   -3.759  1.00 36.43 ? 148 HOH B O     1 
HETATM 531 O O     . HOH E 3 .  ? -15.464 14.265  5.576   1.00 35.39 ? 150 HOH B O     1 
HETATM 532 O O     . HOH E 3 .  ? 12.431  6.868   5.335   1.00 38.93 ? 153 HOH B O     1 
HETATM 533 O O     . HOH E 3 .  ? -10.143 -5.362  -1.283  1.00 27.75 ? 154 HOH B O     1 
HETATM 534 O O     . HOH E 3 .  ? -11.976 -7.208  -10.265 1.00 36.73 ? 155 HOH B O     1 
HETATM 535 O O     . HOH E 3 .  ? 2.314   0.769   -3.284  1.00 24.07 ? 156 HOH B O     1 
HETATM 536 O O     . HOH E 3 .  ? -0.306  1.597   -2.731  1.00 28.73 ? 159 HOH B O     1 
HETATM 537 O O     . HOH E 3 .  ? -15.434 7.712   4.018   1.00 47.02 ? 161 HOH B O     1 
HETATM 538 O O     . HOH E 3 .  ? 9.345   -4.337  7.377   1.00 41.12 ? 162 HOH B O     1 
HETATM 539 O O     . HOH E 3 .  ? -0.434  -7.345  -5.308  1.00 27.04 ? 163 HOH B O     1 
HETATM 540 O O     . HOH E 3 .  ? -10.129 4.038   -5.516  1.00 34.82 ? 165 HOH B O     1 
HETATM 541 O O     . HOH E 3 .  ? -9.909  10.386  -2.909  1.00 31.51 ? 166 HOH B O     1 
HETATM 542 O O     . HOH E 3 .  ? 11.860  7.398   -0.320  1.00 38.80 ? 169 HOH B O     1 
HETATM 543 O O     . HOH E 3 .  ? -4.737  6.417   -3.697  1.00 26.04 ? 170 HOH B O     1 
HETATM 544 O O     . HOH E 3 .  ? -13.337 11.305  6.939   1.00 36.79 ? 171 HOH B O     1 
HETATM 545 O O     . HOH E 3 .  ? -7.678  1.193   -6.265  1.00 27.33 ? 175 HOH B O     1 
HETATM 546 O O     . HOH E 3 .  ? -16.062 1.658   -1.150  0.50 38.26 ? 179 HOH B O     1 
HETATM 547 O O     . HOH E 3 .  ? -7.447  -2.592  -11.973 1.00 41.80 ? 181 HOH B O     1 
HETATM 548 O O     . HOH E 3 .  ? -0.952  2.174   -9.228  1.00 39.93 ? 182 HOH B O     1 
HETATM 549 O O     . HOH E 3 .  ? -9.522  -10.099 -6.486  1.00 35.19 ? 184 HOH B O     1 
HETATM 550 O O     . HOH E 3 .  ? -18.515 4.947   -1.599  1.00 37.55 ? 187 HOH B O     1 
HETATM 551 O O     A HOH E 3 .  ? -16.401 11.071  7.188   0.50 25.78 ? 188 HOH B O     1 
HETATM 552 O O     B HOH E 3 .  ? -17.847 10.880  8.354   0.50 38.37 ? 188 HOH B O     1 
HETATM 553 O O     . HOH E 3 .  ? 0.453   1.498   -11.475 1.00 40.24 ? 191 HOH B O     1 
HETATM 554 O O     . HOH E 3 .  ? -5.159  4.000   -4.941  1.00 36.59 ? 192 HOH B O     1 
HETATM 555 O O     . HOH E 3 .  ? 2.260   0.531   -0.806  1.00 43.94 ? 193 HOH B O     1 
HETATM 556 O O     . HOH E 3 .  ? -11.189 -0.627  -9.384  1.00 41.80 ? 195 HOH B O     1 
HETATM 557 O O     . HOH E 3 .  ? -9.673  -4.603  -10.094 0.50 28.84 ? 199 HOH B O     1 
HETATM 558 O O     . HOH E 3 .  ? -14.619 2.577   -4.779  1.00 39.36 ? 200 HOH B O     1 
HETATM 559 O O     . HOH E 3 .  ? -5.222  -0.461  -11.987 1.00 38.82 ? 202 HOH B O     1 
HETATM 560 O O     . HOH E 3 .  ? 9.514   7.894   2.757   0.50 30.53 ? 203 HOH B O     1 
HETATM 561 O O     . HOH E 3 .  ? 6.847   4.098   -2.172  1.00 44.70 ? 206 HOH B O     1 
HETATM 562 O O     . HOH E 3 .  ? 12.686  0.002   10.196  0.50 34.75 ? 210 HOH B O     1 
HETATM 563 O O     . HOH E 3 .  ? 8.179   2.583   1.438   1.00 38.52 ? 213 HOH B O     1 
HETATM 564 O O     . HOH E 3 .  ? 10.073  -5.965  5.050   1.00 44.91 ? 214 HOH B O     1 
HETATM 565 O O     . HOH E 3 .  ? -14.547 -1.524  -4.597  1.00 41.91 ? 219 HOH B O     1 
HETATM 566 O O     . HOH E 3 .  ? -11.084 3.357   -8.938  0.50 31.82 ? 220 HOH B O     1 
HETATM 567 O O     . HOH E 3 .  ? 7.627   -1.912  4.486   1.00 41.74 ? 222 HOH B O     1 
# 
loop_
_pdbx_poly_seq_scheme.asym_id 
_pdbx_poly_seq_scheme.entity_id 
_pdbx_poly_seq_scheme.seq_id 
_pdbx_poly_seq_scheme.mon_id 
_pdbx_poly_seq_scheme.ndb_seq_num 
_pdbx_poly_seq_scheme.pdb_seq_num 
_pdbx_poly_seq_scheme.auth_seq_num 
_pdbx_poly_seq_scheme.pdb_mon_id 
_pdbx_poly_seq_scheme.auth_mon_id 
_pdbx_poly_seq_scheme.pdb_strand_id 
_pdbx_poly_seq_scheme.pdb_ins_code 
_pdbx_poly_seq_scheme.hetero 
A 1 1  DG  1  1  1  DG  G   A . n 
A 1 2  DC  2  2  2  DC  C   A . n 
A 1 3  DG  3  3  3  DG  G   A . n 
A 1 4  DT  4  4  4  DT  T   A . n 
A 1 5  DA  5  5  5  DA  A   A . n 
A 1 6  2OT 6  6  6  2OT DMA A . n 
A 1 7  DA  7  7  7  DA  A   A . n 
A 1 8  DC  8  8  8  DC  C   A . n 
A 1 9  DG  9  9  9  DG  G   A . n 
A 1 10 DC  10 10 10 DC  C   A . n 
B 1 1  DG  1  11 11 DG  G   B . n 
B 1 2  DC  2  12 12 DC  C   B . n 
B 1 3  DG  3  13 13 DG  G   B . n 
B 1 4  DT  4  14 14 DT  T   B . n 
B 1 5  DA  5  15 15 DA  A   B . n 
B 1 6  2OT 6  16 16 2OT DMA B . n 
B 1 7  DA  7  17 17 DA  A   B . n 
B 1 8  DC  8  18 18 DC  C   B . n 
B 1 9  DG  9  19 19 DG  G   B . n 
B 1 10 DC  10 20 20 DC  C   B . n 
# 
loop_
_pdbx_nonpoly_scheme.asym_id 
_pdbx_nonpoly_scheme.entity_id 
_pdbx_nonpoly_scheme.mon_id 
_pdbx_nonpoly_scheme.ndb_seq_num 
_pdbx_nonpoly_scheme.pdb_seq_num 
_pdbx_nonpoly_scheme.auth_seq_num 
_pdbx_nonpoly_scheme.pdb_mon_id 
_pdbx_nonpoly_scheme.auth_mon_id 
_pdbx_nonpoly_scheme.pdb_strand_id 
_pdbx_nonpoly_scheme.pdb_ins_code 
C 2 SPM 1  100 100 SPM SPM B . 
D 3 HOH 1  101 101 HOH HOH A . 
D 3 HOH 2  102 102 HOH HOH A . 
D 3 HOH 3  104 104 HOH HOH A . 
D 3 HOH 4  107 107 HOH HOH A . 
D 3 HOH 5  109 109 HOH HOH A . 
D 3 HOH 6  110 110 HOH HOH A . 
D 3 HOH 7  111 111 HOH HOH A . 
D 3 HOH 8  116 116 HOH HOH A . 
D 3 HOH 9  117 117 HOH HOH A . 
D 3 HOH 10 118 118 HOH HOH A . 
D 3 HOH 11 119 119 HOH HOH A . 
D 3 HOH 12 121 121 HOH HOH A . 
D 3 HOH 13 123 123 HOH HOH A . 
D 3 HOH 14 125 125 HOH HOH A . 
D 3 HOH 15 128 128 HOH HOH A . 
D 3 HOH 16 132 132 HOH HOH A . 
D 3 HOH 17 133 133 HOH HOH A . 
D 3 HOH 18 134 134 HOH HOH A . 
D 3 HOH 19 135 135 HOH HOH A . 
D 3 HOH 20 136 136 HOH HOH A . 
D 3 HOH 21 137 137 HOH HOH A . 
D 3 HOH 22 139 139 HOH HOH A . 
D 3 HOH 23 141 141 HOH HOH A . 
D 3 HOH 24 142 142 HOH HOH A . 
D 3 HOH 25 145 145 HOH HOH A . 
D 3 HOH 26 146 146 HOH HOH A . 
D 3 HOH 27 147 147 HOH HOH A . 
D 3 HOH 28 149 149 HOH HOH A . 
D 3 HOH 29 151 151 HOH HOH A . 
D 3 HOH 30 152 152 HOH HOH A . 
D 3 HOH 31 157 157 HOH HOH A . 
D 3 HOH 32 158 158 HOH HOH A . 
D 3 HOH 33 160 160 HOH HOH A . 
D 3 HOH 34 164 164 HOH HOH A . 
D 3 HOH 35 167 167 HOH HOH A . 
D 3 HOH 36 168 168 HOH HOH A . 
D 3 HOH 37 172 172 HOH HOH A . 
D 3 HOH 38 173 173 HOH HOH A . 
D 3 HOH 39 174 174 HOH HOH A . 
D 3 HOH 40 176 176 HOH HOH A . 
D 3 HOH 41 177 177 HOH HOH A . 
D 3 HOH 42 178 178 HOH HOH A . 
D 3 HOH 43 180 180 HOH HOH A . 
D 3 HOH 44 183 183 HOH HOH A . 
D 3 HOH 45 185 185 HOH HOH A . 
D 3 HOH 46 186 186 HOH HOH A . 
D 3 HOH 47 189 189 HOH HOH A . 
D 3 HOH 48 190 190 HOH HOH A . 
D 3 HOH 49 194 194 HOH HOH A . 
D 3 HOH 50 196 196 HOH HOH A . 
D 3 HOH 51 197 197 HOH HOH A . 
D 3 HOH 52 198 198 HOH HOH A . 
D 3 HOH 53 201 201 HOH HOH A . 
D 3 HOH 54 204 204 HOH HOH A . 
D 3 HOH 55 205 205 HOH HOH A . 
D 3 HOH 56 207 207 HOH HOH A . 
D 3 HOH 57 208 208 HOH HOH A . 
D 3 HOH 58 209 209 HOH HOH A . 
D 3 HOH 59 211 211 HOH HOH A . 
D 3 HOH 60 212 212 HOH HOH A . 
D 3 HOH 61 215 215 HOH HOH A . 
D 3 HOH 62 216 216 HOH HOH A . 
D 3 HOH 63 217 217 HOH HOH A . 
D 3 HOH 64 218 218 HOH HOH A . 
D 3 HOH 65 221 221 HOH HOH A . 
D 3 HOH 66 223 223 HOH HOH A . 
D 3 HOH 67 224 224 HOH HOH A . 
E 3 HOH 1  103 103 HOH HOH B . 
E 3 HOH 2  105 105 HOH HOH B . 
E 3 HOH 3  106 106 HOH HOH B . 
E 3 HOH 4  108 108 HOH HOH B . 
E 3 HOH 5  112 112 HOH HOH B . 
E 3 HOH 6  113 113 HOH HOH B . 
E 3 HOH 7  114 114 HOH HOH B . 
E 3 HOH 8  115 115 HOH HOH B . 
E 3 HOH 9  120 120 HOH HOH B . 
E 3 HOH 10 122 122 HOH HOH B . 
E 3 HOH 11 124 124 HOH HOH B . 
E 3 HOH 12 126 126 HOH HOH B . 
E 3 HOH 13 127 127 HOH HOH B . 
E 3 HOH 14 129 129 HOH HOH B . 
E 3 HOH 15 130 130 HOH HOH B . 
E 3 HOH 16 131 131 HOH HOH B . 
E 3 HOH 17 138 138 HOH HOH B . 
E 3 HOH 18 140 140 HOH HOH B . 
E 3 HOH 19 143 143 HOH HOH B . 
E 3 HOH 20 144 144 HOH HOH B . 
E 3 HOH 21 148 148 HOH HOH B . 
E 3 HOH 22 150 150 HOH HOH B . 
E 3 HOH 23 153 153 HOH HOH B . 
E 3 HOH 24 154 154 HOH HOH B . 
E 3 HOH 25 155 155 HOH HOH B . 
E 3 HOH 26 156 156 HOH HOH B . 
E 3 HOH 27 159 159 HOH HOH B . 
E 3 HOH 28 161 161 HOH HOH B . 
E 3 HOH 29 162 162 HOH HOH B . 
E 3 HOH 30 163 163 HOH HOH B . 
E 3 HOH 31 165 165 HOH HOH B . 
E 3 HOH 32 166 166 HOH HOH B . 
E 3 HOH 33 169 169 HOH HOH B . 
E 3 HOH 34 170 170 HOH HOH B . 
E 3 HOH 35 171 171 HOH HOH B . 
E 3 HOH 36 175 175 HOH HOH B . 
E 3 HOH 37 179 179 HOH HOH B . 
E 3 HOH 38 181 181 HOH HOH B . 
E 3 HOH 39 182 182 HOH HOH B . 
E 3 HOH 40 184 184 HOH HOH B . 
E 3 HOH 41 187 187 HOH HOH B . 
E 3 HOH 42 188 188 HOH HOH B . 
E 3 HOH 43 191 191 HOH HOH B . 
E 3 HOH 44 192 192 HOH HOH B . 
E 3 HOH 45 193 193 HOH HOH B . 
E 3 HOH 46 195 195 HOH HOH B . 
E 3 HOH 47 199 199 HOH HOH B . 
E 3 HOH 48 200 200 HOH HOH B . 
E 3 HOH 49 202 202 HOH HOH B . 
E 3 HOH 50 203 203 HOH HOH B . 
E 3 HOH 51 206 206 HOH HOH B . 
E 3 HOH 52 210 210 HOH HOH B . 
E 3 HOH 53 213 213 HOH HOH B . 
E 3 HOH 54 214 214 HOH HOH B . 
E 3 HOH 55 219 219 HOH HOH B . 
E 3 HOH 56 220 220 HOH HOH B . 
E 3 HOH 57 222 222 HOH HOH B . 
# 
loop_
_pdbx_struct_mod_residue.id 
_pdbx_struct_mod_residue.label_asym_id 
_pdbx_struct_mod_residue.label_comp_id 
_pdbx_struct_mod_residue.label_seq_id 
_pdbx_struct_mod_residue.auth_asym_id 
_pdbx_struct_mod_residue.auth_comp_id 
_pdbx_struct_mod_residue.auth_seq_id 
_pdbx_struct_mod_residue.PDB_ins_code 
_pdbx_struct_mod_residue.parent_comp_id 
_pdbx_struct_mod_residue.details 
1 A 2OT 6 A 2OT 6  ? DT ? 
2 B 2OT 6 B 2OT 16 ? DT ? 
# 
_pdbx_struct_assembly.id                   1 
_pdbx_struct_assembly.details              author_defined_assembly 
_pdbx_struct_assembly.method_details       ? 
_pdbx_struct_assembly.oligomeric_details   dimeric 
_pdbx_struct_assembly.oligomeric_count     2 
# 
_pdbx_struct_assembly_gen.assembly_id       1 
_pdbx_struct_assembly_gen.oper_expression   1 
_pdbx_struct_assembly_gen.asym_id_list      A,B,C,D,E 
# 
_pdbx_struct_oper_list.id                   1 
_pdbx_struct_oper_list.type                 'identity operation' 
_pdbx_struct_oper_list.name                 1_555 
_pdbx_struct_oper_list.symmetry_operation   x,y,z 
_pdbx_struct_oper_list.matrix[1][1]         1.0000000000 
_pdbx_struct_oper_list.matrix[1][2]         0.0000000000 
_pdbx_struct_oper_list.matrix[1][3]         0.0000000000 
_pdbx_struct_oper_list.vector[1]            0.0000000000 
_pdbx_struct_oper_list.matrix[2][1]         0.0000000000 
_pdbx_struct_oper_list.matrix[2][2]         1.0000000000 
_pdbx_struct_oper_list.matrix[2][3]         0.0000000000 
_pdbx_struct_oper_list.vector[2]            0.0000000000 
_pdbx_struct_oper_list.matrix[3][1]         0.0000000000 
_pdbx_struct_oper_list.matrix[3][2]         0.0000000000 
_pdbx_struct_oper_list.matrix[3][3]         1.0000000000 
_pdbx_struct_oper_list.vector[3]            0.0000000000 
# 
loop_
_pdbx_audit_revision_history.ordinal 
_pdbx_audit_revision_history.data_content_type 
_pdbx_audit_revision_history.major_revision 
_pdbx_audit_revision_history.minor_revision 
_pdbx_audit_revision_history.revision_date 
1 'Structure model' 1 0 2005-06-28 
2 'Structure model' 1 1 2008-04-30 
3 'Structure model' 1 2 2011-07-13 
4 'Structure model' 1 3 2023-08-23 
# 
_pdbx_audit_revision_details.ordinal             1 
_pdbx_audit_revision_details.revision_ordinal    1 
_pdbx_audit_revision_details.data_content_type   'Structure model' 
_pdbx_audit_revision_details.provider            repository 
_pdbx_audit_revision_details.type                'Initial release' 
_pdbx_audit_revision_details.description         ? 
_pdbx_audit_revision_details.details             ? 
# 
loop_
_pdbx_audit_revision_group.ordinal 
_pdbx_audit_revision_group.revision_ordinal 
_pdbx_audit_revision_group.data_content_type 
_pdbx_audit_revision_group.group 
1 2 'Structure model' 'Version format compliance' 
2 3 'Structure model' 'Version format compliance' 
3 4 'Structure model' 'Data collection'           
4 4 'Structure model' 'Database references'       
5 4 'Structure model' 'Derived calculations'      
6 4 'Structure model' 'Refinement description'    
# 
loop_
_pdbx_audit_revision_category.ordinal 
_pdbx_audit_revision_category.revision_ordinal 
_pdbx_audit_revision_category.data_content_type 
_pdbx_audit_revision_category.category 
1 4 'Structure model' chem_comp_atom                
2 4 'Structure model' chem_comp_bond                
3 4 'Structure model' database_2                    
4 4 'Structure model' pdbx_initial_refinement_model 
5 4 'Structure model' struct_conn                   
6 4 'Structure model' struct_site                   
# 
loop_
_pdbx_audit_revision_item.ordinal 
_pdbx_audit_revision_item.revision_ordinal 
_pdbx_audit_revision_item.data_content_type 
_pdbx_audit_revision_item.item 
1 4 'Structure model' '_database_2.pdbx_DOI'                
2 4 'Structure model' '_database_2.pdbx_database_accession' 
3 4 'Structure model' '_struct_conn.pdbx_leaving_atom_flag' 
4 4 'Structure model' '_struct_site.pdbx_auth_asym_id'      
5 4 'Structure model' '_struct_site.pdbx_auth_comp_id'      
6 4 'Structure model' '_struct_site.pdbx_auth_seq_id'       
# 
loop_
_software.name 
_software.classification 
_software.version 
_software.citation_id 
_software.pdbx_ordinal 
DENZO     'data reduction' . ? 1 
SCALEPACK 'data scaling'   . ? 2 
AMoRE     phasing          . ? 3 
CNS       refinement       . ? 4 
# 
loop_
_chem_comp_atom.comp_id 
_chem_comp_atom.atom_id 
_chem_comp_atom.type_symbol 
_chem_comp_atom.pdbx_aromatic_flag 
_chem_comp_atom.pdbx_stereo_config 
_chem_comp_atom.pdbx_ordinal 
2OT P      P N N 1   
2OT OP1    O N N 2   
2OT OP2    O N N 3   
2OT "O5'"  O N N 4   
2OT "C5'"  C N N 5   
2OT "C4'"  C N R 6   
2OT "O4'"  O N N 7   
2OT "C1'"  C N R 8   
2OT N1     N N N 9   
2OT C6     C N N 10  
2OT C2     C N N 11  
2OT O2     O N N 12  
2OT N3     N N N 13  
2OT C4     C N N 14  
2OT O4     O N N 15  
2OT C5     C N N 16  
2OT C5M    C N N 17  
2OT "C2'"  C N R 18  
2OT "O2'"  O N N 19  
2OT "CB'"  C N N 20  
2OT "CC'"  C N N 21  
2OT "OD'"  O N N 22  
2OT "NE'"  N N N 23  
2OT "CF'"  C N N 24  
2OT "CG'"  C N N 25  
2OT "C3'"  C N R 26  
2OT "O3'"  O N N 27  
2OT OP3    O N N 28  
2OT HOP2   H N N 29  
2OT "H5'"  H N N 30  
2OT "H5''" H N N 31  
2OT "H4'"  H N N 32  
2OT "H1'"  H N N 33  
2OT H6     H N N 34  
2OT HN3    H N N 35  
2OT H71    H N N 36  
2OT H72    H N N 37  
2OT H73    H N N 38  
2OT "H2'"  H N N 39  
2OT "HB'1" H N N 40  
2OT "HB'2" H N N 41  
2OT "HC'1" H N N 42  
2OT "HC'2" H N N 43  
2OT "HF'1" H N N 44  
2OT "HF'2" H N N 45  
2OT "HF'3" H N N 46  
2OT "HG'1" H N N 47  
2OT "HG'2" H N N 48  
2OT "HG'3" H N N 49  
2OT "H3'"  H N N 50  
2OT "HO3'" H N N 51  
2OT HOP3   H N N 52  
DA  OP3    O N N 53  
DA  P      P N N 54  
DA  OP1    O N N 55  
DA  OP2    O N N 56  
DA  "O5'"  O N N 57  
DA  "C5'"  C N N 58  
DA  "C4'"  C N R 59  
DA  "O4'"  O N N 60  
DA  "C3'"  C N S 61  
DA  "O3'"  O N N 62  
DA  "C2'"  C N N 63  
DA  "C1'"  C N R 64  
DA  N9     N Y N 65  
DA  C8     C Y N 66  
DA  N7     N Y N 67  
DA  C5     C Y N 68  
DA  C6     C Y N 69  
DA  N6     N N N 70  
DA  N1     N Y N 71  
DA  C2     C Y N 72  
DA  N3     N Y N 73  
DA  C4     C Y N 74  
DA  HOP3   H N N 75  
DA  HOP2   H N N 76  
DA  "H5'"  H N N 77  
DA  "H5''" H N N 78  
DA  "H4'"  H N N 79  
DA  "H3'"  H N N 80  
DA  "HO3'" H N N 81  
DA  "H2'"  H N N 82  
DA  "H2''" H N N 83  
DA  "H1'"  H N N 84  
DA  H8     H N N 85  
DA  H61    H N N 86  
DA  H62    H N N 87  
DA  H2     H N N 88  
DC  OP3    O N N 89  
DC  P      P N N 90  
DC  OP1    O N N 91  
DC  OP2    O N N 92  
DC  "O5'"  O N N 93  
DC  "C5'"  C N N 94  
DC  "C4'"  C N R 95  
DC  "O4'"  O N N 96  
DC  "C3'"  C N S 97  
DC  "O3'"  O N N 98  
DC  "C2'"  C N N 99  
DC  "C1'"  C N R 100 
DC  N1     N N N 101 
DC  C2     C N N 102 
DC  O2     O N N 103 
DC  N3     N N N 104 
DC  C4     C N N 105 
DC  N4     N N N 106 
DC  C5     C N N 107 
DC  C6     C N N 108 
DC  HOP3   H N N 109 
DC  HOP2   H N N 110 
DC  "H5'"  H N N 111 
DC  "H5''" H N N 112 
DC  "H4'"  H N N 113 
DC  "H3'"  H N N 114 
DC  "HO3'" H N N 115 
DC  "H2'"  H N N 116 
DC  "H2''" H N N 117 
DC  "H1'"  H N N 118 
DC  H41    H N N 119 
DC  H42    H N N 120 
DC  H5     H N N 121 
DC  H6     H N N 122 
DG  OP3    O N N 123 
DG  P      P N N 124 
DG  OP1    O N N 125 
DG  OP2    O N N 126 
DG  "O5'"  O N N 127 
DG  "C5'"  C N N 128 
DG  "C4'"  C N R 129 
DG  "O4'"  O N N 130 
DG  "C3'"  C N S 131 
DG  "O3'"  O N N 132 
DG  "C2'"  C N N 133 
DG  "C1'"  C N R 134 
DG  N9     N Y N 135 
DG  C8     C Y N 136 
DG  N7     N Y N 137 
DG  C5     C Y N 138 
DG  C6     C N N 139 
DG  O6     O N N 140 
DG  N1     N N N 141 
DG  C2     C N N 142 
DG  N2     N N N 143 
DG  N3     N N N 144 
DG  C4     C Y N 145 
DG  HOP3   H N N 146 
DG  HOP2   H N N 147 
DG  "H5'"  H N N 148 
DG  "H5''" H N N 149 
DG  "H4'"  H N N 150 
DG  "H3'"  H N N 151 
DG  "HO3'" H N N 152 
DG  "H2'"  H N N 153 
DG  "H2''" H N N 154 
DG  "H1'"  H N N 155 
DG  H8     H N N 156 
DG  H1     H N N 157 
DG  H21    H N N 158 
DG  H22    H N N 159 
DT  OP3    O N N 160 
DT  P      P N N 161 
DT  OP1    O N N 162 
DT  OP2    O N N 163 
DT  "O5'"  O N N 164 
DT  "C5'"  C N N 165 
DT  "C4'"  C N R 166 
DT  "O4'"  O N N 167 
DT  "C3'"  C N S 168 
DT  "O3'"  O N N 169 
DT  "C2'"  C N N 170 
DT  "C1'"  C N R 171 
DT  N1     N N N 172 
DT  C2     C N N 173 
DT  O2     O N N 174 
DT  N3     N N N 175 
DT  C4     C N N 176 
DT  O4     O N N 177 
DT  C5     C N N 178 
DT  C7     C N N 179 
DT  C6     C N N 180 
DT  HOP3   H N N 181 
DT  HOP2   H N N 182 
DT  "H5'"  H N N 183 
DT  "H5''" H N N 184 
DT  "H4'"  H N N 185 
DT  "H3'"  H N N 186 
DT  "HO3'" H N N 187 
DT  "H2'"  H N N 188 
DT  "H2''" H N N 189 
DT  "H1'"  H N N 190 
DT  H3     H N N 191 
DT  H71    H N N 192 
DT  H72    H N N 193 
DT  H73    H N N 194 
DT  H6     H N N 195 
HOH O      O N N 196 
HOH H1     H N N 197 
HOH H2     H N N 198 
SPM N1     N N N 199 
SPM C2     C N N 200 
SPM C3     C N N 201 
SPM C4     C N N 202 
SPM N5     N N N 203 
SPM C6     C N N 204 
SPM C7     C N N 205 
SPM C8     C N N 206 
SPM C9     C N N 207 
SPM N10    N N N 208 
SPM C11    C N N 209 
SPM C12    C N N 210 
SPM C13    C N N 211 
SPM N14    N N N 212 
SPM HN11   H N N 213 
SPM HN12   H N N 214 
SPM H21    H N N 215 
SPM H22    H N N 216 
SPM H31    H N N 217 
SPM H32    H N N 218 
SPM H41    H N N 219 
SPM H42    H N N 220 
SPM HN5    H N N 221 
SPM H61    H N N 222 
SPM H62    H N N 223 
SPM H71    H N N 224 
SPM H72    H N N 225 
SPM H81    H N N 226 
SPM H82    H N N 227 
SPM H91    H N N 228 
SPM H92    H N N 229 
SPM HN0    H N N 230 
SPM H111   H N N 231 
SPM H112   H N N 232 
SPM H121   H N N 233 
SPM H122   H N N 234 
SPM H131   H N N 235 
SPM H132   H N N 236 
SPM HN41   H N N 237 
SPM HN42   H N N 238 
# 
loop_
_chem_comp_bond.comp_id 
_chem_comp_bond.atom_id_1 
_chem_comp_bond.atom_id_2 
_chem_comp_bond.value_order 
_chem_comp_bond.pdbx_aromatic_flag 
_chem_comp_bond.pdbx_stereo_config 
_chem_comp_bond.pdbx_ordinal 
2OT P     OP1    doub N N 1   
2OT P     OP2    sing N N 2   
2OT P     "O5'"  sing N N 3   
2OT P     OP3    sing N N 4   
2OT OP2   HOP2   sing N N 5   
2OT "O5'" "C5'"  sing N N 6   
2OT "C5'" "C4'"  sing N N 7   
2OT "C5'" "H5'"  sing N N 8   
2OT "C5'" "H5''" sing N N 9   
2OT "C4'" "O4'"  sing N N 10  
2OT "C4'" "C3'"  sing N N 11  
2OT "C4'" "H4'"  sing N N 12  
2OT "O4'" "C1'"  sing N N 13  
2OT "C1'" N1     sing N N 14  
2OT "C1'" "C2'"  sing N N 15  
2OT "C1'" "H1'"  sing N N 16  
2OT N1    C6     sing N N 17  
2OT N1    C2     sing N N 18  
2OT C6    C5     doub N N 19  
2OT C6    H6     sing N N 20  
2OT C2    O2     doub N N 21  
2OT C2    N3     sing N N 22  
2OT N3    C4     sing N N 23  
2OT N3    HN3    sing N N 24  
2OT C4    O4     doub N N 25  
2OT C4    C5     sing N N 26  
2OT C5    C5M    sing N N 27  
2OT C5M   H71    sing N N 28  
2OT C5M   H72    sing N N 29  
2OT C5M   H73    sing N N 30  
2OT "C2'" "O2'"  sing N N 31  
2OT "C2'" "C3'"  sing N N 32  
2OT "C2'" "H2'"  sing N N 33  
2OT "O2'" "CB'"  sing N N 34  
2OT "CB'" "CC'"  sing N N 35  
2OT "CB'" "HB'1" sing N N 36  
2OT "CB'" "HB'2" sing N N 37  
2OT "CC'" "OD'"  sing N N 38  
2OT "CC'" "HC'1" sing N N 39  
2OT "CC'" "HC'2" sing N N 40  
2OT "OD'" "NE'"  sing N N 41  
2OT "NE'" "CF'"  sing N N 42  
2OT "NE'" "CG'"  sing N N 43  
2OT "CF'" "HF'1" sing N N 44  
2OT "CF'" "HF'2" sing N N 45  
2OT "CF'" "HF'3" sing N N 46  
2OT "CG'" "HG'1" sing N N 47  
2OT "CG'" "HG'2" sing N N 48  
2OT "CG'" "HG'3" sing N N 49  
2OT "C3'" "O3'"  sing N N 50  
2OT "C3'" "H3'"  sing N N 51  
2OT "O3'" "HO3'" sing N N 52  
2OT OP3   HOP3   sing N N 53  
DA  OP3   P      sing N N 54  
DA  OP3   HOP3   sing N N 55  
DA  P     OP1    doub N N 56  
DA  P     OP2    sing N N 57  
DA  P     "O5'"  sing N N 58  
DA  OP2   HOP2   sing N N 59  
DA  "O5'" "C5'"  sing N N 60  
DA  "C5'" "C4'"  sing N N 61  
DA  "C5'" "H5'"  sing N N 62  
DA  "C5'" "H5''" sing N N 63  
DA  "C4'" "O4'"  sing N N 64  
DA  "C4'" "C3'"  sing N N 65  
DA  "C4'" "H4'"  sing N N 66  
DA  "O4'" "C1'"  sing N N 67  
DA  "C3'" "O3'"  sing N N 68  
DA  "C3'" "C2'"  sing N N 69  
DA  "C3'" "H3'"  sing N N 70  
DA  "O3'" "HO3'" sing N N 71  
DA  "C2'" "C1'"  sing N N 72  
DA  "C2'" "H2'"  sing N N 73  
DA  "C2'" "H2''" sing N N 74  
DA  "C1'" N9     sing N N 75  
DA  "C1'" "H1'"  sing N N 76  
DA  N9    C8     sing Y N 77  
DA  N9    C4     sing Y N 78  
DA  C8    N7     doub Y N 79  
DA  C8    H8     sing N N 80  
DA  N7    C5     sing Y N 81  
DA  C5    C6     sing Y N 82  
DA  C5    C4     doub Y N 83  
DA  C6    N6     sing N N 84  
DA  C6    N1     doub Y N 85  
DA  N6    H61    sing N N 86  
DA  N6    H62    sing N N 87  
DA  N1    C2     sing Y N 88  
DA  C2    N3     doub Y N 89  
DA  C2    H2     sing N N 90  
DA  N3    C4     sing Y N 91  
DC  OP3   P      sing N N 92  
DC  OP3   HOP3   sing N N 93  
DC  P     OP1    doub N N 94  
DC  P     OP2    sing N N 95  
DC  P     "O5'"  sing N N 96  
DC  OP2   HOP2   sing N N 97  
DC  "O5'" "C5'"  sing N N 98  
DC  "C5'" "C4'"  sing N N 99  
DC  "C5'" "H5'"  sing N N 100 
DC  "C5'" "H5''" sing N N 101 
DC  "C4'" "O4'"  sing N N 102 
DC  "C4'" "C3'"  sing N N 103 
DC  "C4'" "H4'"  sing N N 104 
DC  "O4'" "C1'"  sing N N 105 
DC  "C3'" "O3'"  sing N N 106 
DC  "C3'" "C2'"  sing N N 107 
DC  "C3'" "H3'"  sing N N 108 
DC  "O3'" "HO3'" sing N N 109 
DC  "C2'" "C1'"  sing N N 110 
DC  "C2'" "H2'"  sing N N 111 
DC  "C2'" "H2''" sing N N 112 
DC  "C1'" N1     sing N N 113 
DC  "C1'" "H1'"  sing N N 114 
DC  N1    C2     sing N N 115 
DC  N1    C6     sing N N 116 
DC  C2    O2     doub N N 117 
DC  C2    N3     sing N N 118 
DC  N3    C4     doub N N 119 
DC  C4    N4     sing N N 120 
DC  C4    C5     sing N N 121 
DC  N4    H41    sing N N 122 
DC  N4    H42    sing N N 123 
DC  C5    C6     doub N N 124 
DC  C5    H5     sing N N 125 
DC  C6    H6     sing N N 126 
DG  OP3   P      sing N N 127 
DG  OP3   HOP3   sing N N 128 
DG  P     OP1    doub N N 129 
DG  P     OP2    sing N N 130 
DG  P     "O5'"  sing N N 131 
DG  OP2   HOP2   sing N N 132 
DG  "O5'" "C5'"  sing N N 133 
DG  "C5'" "C4'"  sing N N 134 
DG  "C5'" "H5'"  sing N N 135 
DG  "C5'" "H5''" sing N N 136 
DG  "C4'" "O4'"  sing N N 137 
DG  "C4'" "C3'"  sing N N 138 
DG  "C4'" "H4'"  sing N N 139 
DG  "O4'" "C1'"  sing N N 140 
DG  "C3'" "O3'"  sing N N 141 
DG  "C3'" "C2'"  sing N N 142 
DG  "C3'" "H3'"  sing N N 143 
DG  "O3'" "HO3'" sing N N 144 
DG  "C2'" "C1'"  sing N N 145 
DG  "C2'" "H2'"  sing N N 146 
DG  "C2'" "H2''" sing N N 147 
DG  "C1'" N9     sing N N 148 
DG  "C1'" "H1'"  sing N N 149 
DG  N9    C8     sing Y N 150 
DG  N9    C4     sing Y N 151 
DG  C8    N7     doub Y N 152 
DG  C8    H8     sing N N 153 
DG  N7    C5     sing Y N 154 
DG  C5    C6     sing N N 155 
DG  C5    C4     doub Y N 156 
DG  C6    O6     doub N N 157 
DG  C6    N1     sing N N 158 
DG  N1    C2     sing N N 159 
DG  N1    H1     sing N N 160 
DG  C2    N2     sing N N 161 
DG  C2    N3     doub N N 162 
DG  N2    H21    sing N N 163 
DG  N2    H22    sing N N 164 
DG  N3    C4     sing N N 165 
DT  OP3   P      sing N N 166 
DT  OP3   HOP3   sing N N 167 
DT  P     OP1    doub N N 168 
DT  P     OP2    sing N N 169 
DT  P     "O5'"  sing N N 170 
DT  OP2   HOP2   sing N N 171 
DT  "O5'" "C5'"  sing N N 172 
DT  "C5'" "C4'"  sing N N 173 
DT  "C5'" "H5'"  sing N N 174 
DT  "C5'" "H5''" sing N N 175 
DT  "C4'" "O4'"  sing N N 176 
DT  "C4'" "C3'"  sing N N 177 
DT  "C4'" "H4'"  sing N N 178 
DT  "O4'" "C1'"  sing N N 179 
DT  "C3'" "O3'"  sing N N 180 
DT  "C3'" "C2'"  sing N N 181 
DT  "C3'" "H3'"  sing N N 182 
DT  "O3'" "HO3'" sing N N 183 
DT  "C2'" "C1'"  sing N N 184 
DT  "C2'" "H2'"  sing N N 185 
DT  "C2'" "H2''" sing N N 186 
DT  "C1'" N1     sing N N 187 
DT  "C1'" "H1'"  sing N N 188 
DT  N1    C2     sing N N 189 
DT  N1    C6     sing N N 190 
DT  C2    O2     doub N N 191 
DT  C2    N3     sing N N 192 
DT  N3    C4     sing N N 193 
DT  N3    H3     sing N N 194 
DT  C4    O4     doub N N 195 
DT  C4    C5     sing N N 196 
DT  C5    C7     sing N N 197 
DT  C5    C6     doub N N 198 
DT  C7    H71    sing N N 199 
DT  C7    H72    sing N N 200 
DT  C7    H73    sing N N 201 
DT  C6    H6     sing N N 202 
HOH O     H1     sing N N 203 
HOH O     H2     sing N N 204 
SPM N1    C2     sing N N 205 
SPM N1    HN11   sing N N 206 
SPM N1    HN12   sing N N 207 
SPM C2    C3     sing N N 208 
SPM C2    H21    sing N N 209 
SPM C2    H22    sing N N 210 
SPM C3    C4     sing N N 211 
SPM C3    H31    sing N N 212 
SPM C3    H32    sing N N 213 
SPM C4    N5     sing N N 214 
SPM C4    H41    sing N N 215 
SPM C4    H42    sing N N 216 
SPM N5    C6     sing N N 217 
SPM N5    HN5    sing N N 218 
SPM C6    C7     sing N N 219 
SPM C6    H61    sing N N 220 
SPM C6    H62    sing N N 221 
SPM C7    C8     sing N N 222 
SPM C7    H71    sing N N 223 
SPM C7    H72    sing N N 224 
SPM C8    C9     sing N N 225 
SPM C8    H81    sing N N 226 
SPM C8    H82    sing N N 227 
SPM C9    N10    sing N N 228 
SPM C9    H91    sing N N 229 
SPM C9    H92    sing N N 230 
SPM N10   C11    sing N N 231 
SPM N10   HN0    sing N N 232 
SPM C11   C12    sing N N 233 
SPM C11   H111   sing N N 234 
SPM C11   H112   sing N N 235 
SPM C12   C13    sing N N 236 
SPM C12   H121   sing N N 237 
SPM C12   H122   sing N N 238 
SPM C13   N14    sing N N 239 
SPM C13   H131   sing N N 240 
SPM C13   H132   sing N N 241 
SPM N14   HN41   sing N N 242 
SPM N14   HN42   sing N N 243 
# 
_ndb_struct_conf_na.entry_id   1YB9 
_ndb_struct_conf_na.feature    'a-form double helix' 
# 
loop_
_ndb_struct_na_base_pair.model_number 
_ndb_struct_na_base_pair.i_label_asym_id 
_ndb_struct_na_base_pair.i_label_comp_id 
_ndb_struct_na_base_pair.i_label_seq_id 
_ndb_struct_na_base_pair.i_symmetry 
_ndb_struct_na_base_pair.j_label_asym_id 
_ndb_struct_na_base_pair.j_label_comp_id 
_ndb_struct_na_base_pair.j_label_seq_id 
_ndb_struct_na_base_pair.j_symmetry 
_ndb_struct_na_base_pair.shear 
_ndb_struct_na_base_pair.stretch 
_ndb_struct_na_base_pair.stagger 
_ndb_struct_na_base_pair.buckle 
_ndb_struct_na_base_pair.propeller 
_ndb_struct_na_base_pair.opening 
_ndb_struct_na_base_pair.pair_number 
_ndb_struct_na_base_pair.pair_name 
_ndb_struct_na_base_pair.i_auth_asym_id 
_ndb_struct_na_base_pair.i_auth_seq_id 
_ndb_struct_na_base_pair.i_PDB_ins_code 
_ndb_struct_na_base_pair.j_auth_asym_id 
_ndb_struct_na_base_pair.j_auth_seq_id 
_ndb_struct_na_base_pair.j_PDB_ins_code 
_ndb_struct_na_base_pair.hbond_type_28 
_ndb_struct_na_base_pair.hbond_type_12 
1 A DG  1  1_555 B DC  10 1_555 -0.255 -0.268 0.173  -0.174 -5.672  -2.453 1  A_DG1:DC20_B  A 1  ? B 20 ? 19 1 
1 A DC  2  1_555 B DG  9  1_555 0.169  -0.056 0.074  3.416  -11.197 2.105  2  A_DC2:DG19_B  A 2  ? B 19 ? 19 1 
1 A DG  3  1_555 B DC  8  1_555 -0.334 -0.130 -0.017 -7.807 -14.752 0.743  3  A_DG3:DC18_B  A 3  ? B 18 ? 19 1 
1 A DT  4  1_555 B DA  7  1_555 -0.064 -0.121 -0.018 -4.650 -17.496 1.643  4  A_DT4:DA17_B  A 4  ? B 17 ? 20 1 
1 A DA  5  1_555 B 2OT 6  1_555 0.262  -0.119 0.143  -3.596 -13.943 -2.569 5  A_DA5:2OT16_B A 5  ? B 16 ? 20 1 
1 A 2OT 6  1_555 B DA  5  1_555 0.008  -0.095 0.207  2.616  -14.303 6.651  6  A_2OT6:DA15_B A 6  ? B 15 ? 20 1 
1 A DA  7  1_555 B DT  4  1_555 0.078  -0.158 0.097  6.225  -11.167 1.160  7  A_DA7:DT14_B  A 7  ? B 14 ? 20 1 
1 A DC  8  1_555 B DG  3  1_555 0.154  -0.176 -0.097 8.021  -14.091 1.260  8  A_DC8:DG13_B  A 8  ? B 13 ? 19 1 
1 A DG  9  1_555 B DC  2  1_555 -0.109 -0.159 0.063  -7.862 -10.059 1.004  9  A_DG9:DC12_B  A 9  ? B 12 ? 19 1 
1 A DC  10 1_555 B DG  1  1_555 0.217  -0.107 -0.034 -2.235 5.346   0.237  10 A_DC10:DG11_B A 10 ? B 11 ? 19 1 
# 
loop_
_ndb_struct_na_base_pair_step.model_number 
_ndb_struct_na_base_pair_step.i_label_asym_id_1 
_ndb_struct_na_base_pair_step.i_label_comp_id_1 
_ndb_struct_na_base_pair_step.i_label_seq_id_1 
_ndb_struct_na_base_pair_step.i_symmetry_1 
_ndb_struct_na_base_pair_step.j_label_asym_id_1 
_ndb_struct_na_base_pair_step.j_label_comp_id_1 
_ndb_struct_na_base_pair_step.j_label_seq_id_1 
_ndb_struct_na_base_pair_step.j_symmetry_1 
_ndb_struct_na_base_pair_step.i_label_asym_id_2 
_ndb_struct_na_base_pair_step.i_label_comp_id_2 
_ndb_struct_na_base_pair_step.i_label_seq_id_2 
_ndb_struct_na_base_pair_step.i_symmetry_2 
_ndb_struct_na_base_pair_step.j_label_asym_id_2 
_ndb_struct_na_base_pair_step.j_label_comp_id_2 
_ndb_struct_na_base_pair_step.j_label_seq_id_2 
_ndb_struct_na_base_pair_step.j_symmetry_2 
_ndb_struct_na_base_pair_step.shift 
_ndb_struct_na_base_pair_step.slide 
_ndb_struct_na_base_pair_step.rise 
_ndb_struct_na_base_pair_step.tilt 
_ndb_struct_na_base_pair_step.roll 
_ndb_struct_na_base_pair_step.twist 
_ndb_struct_na_base_pair_step.x_displacement 
_ndb_struct_na_base_pair_step.y_displacement 
_ndb_struct_na_base_pair_step.helical_rise 
_ndb_struct_na_base_pair_step.inclination 
_ndb_struct_na_base_pair_step.tip 
_ndb_struct_na_base_pair_step.helical_twist 
_ndb_struct_na_base_pair_step.step_number 
_ndb_struct_na_base_pair_step.step_name 
_ndb_struct_na_base_pair_step.i_auth_asym_id_1 
_ndb_struct_na_base_pair_step.i_auth_seq_id_1 
_ndb_struct_na_base_pair_step.i_PDB_ins_code_1 
_ndb_struct_na_base_pair_step.j_auth_asym_id_1 
_ndb_struct_na_base_pair_step.j_auth_seq_id_1 
_ndb_struct_na_base_pair_step.j_PDB_ins_code_1 
_ndb_struct_na_base_pair_step.i_auth_asym_id_2 
_ndb_struct_na_base_pair_step.i_auth_seq_id_2 
_ndb_struct_na_base_pair_step.i_PDB_ins_code_2 
_ndb_struct_na_base_pair_step.j_auth_asym_id_2 
_ndb_struct_na_base_pair_step.j_auth_seq_id_2 
_ndb_struct_na_base_pair_step.j_PDB_ins_code_2 
1 A DG  1 1_555 B DC  10 1_555 A DC  2  1_555 B DG  9 1_555 0.282  -1.696 3.189 1.738  1.157  39.735 -2.622 -0.220 3.149 1.701  
-2.554 39.788 1 AA_DG1DC2:DG19DC20_BB   A 1 ? B 20 ? A 2  ? B 19 ? 
1 A DC  2 1_555 B DG  9  1_555 A DG  3  1_555 B DC  8 1_555 0.125  -2.301 3.474 1.307  8.436  23.893 -7.552 0.073  2.529 19.592 
-3.036 25.351 2 AA_DC2DG3:DC18DG19_BB   A 2 ? B 19 ? A 3  ? B 18 ? 
1 A DG  3 1_555 B DC  8  1_555 A DT  4  1_555 B DA  7 1_555 -1.109 -1.517 3.143 -1.757 5.338  36.479 -3.073 1.529  2.948 8.465  
2.786  36.895 3 AA_DG3DT4:DA17DC18_BB   A 3 ? B 18 ? A 4  ? B 17 ? 
1 A DT  4 1_555 B DA  7  1_555 A DA  5  1_555 B 2OT 6 1_555 0.507  -1.610 3.171 1.456  19.639 26.179 -5.655 -0.695 1.625 37.363 
-2.770 32.655 4 AA_DT4DA5:2OT16DA17_BB  A 4 ? B 17 ? A 5  ? B 16 ? 
1 A DA  5 1_555 B 2OT 6  1_555 A 2OT 6  1_555 B DA  5 1_555 0.627  -1.280 3.106 1.191  6.009  31.903 -3.256 -0.929 2.844 10.807 
-2.142 32.471 5 AA_DA52OT6:DA152OT16_BB A 5 ? B 16 ? A 6  ? B 15 ? 
1 A 2OT 6 1_555 B DA  5  1_555 A DA  7  1_555 B DT  4 1_555 -0.292 -1.232 3.029 0.214  13.925 30.344 -4.118 0.539  2.260 25.014 
-0.384 33.319 6 AA_2OT6DA7:DT14DA15_BB  A 6 ? B 15 ? A 7  ? B 14 ? 
1 A DA  7 1_555 B DT  4  1_555 A DC  8  1_555 B DG  3 1_555 0.390  -1.715 3.294 1.795  2.858  31.154 -3.708 -0.388 3.145 5.302  
-3.330 31.332 7 AA_DA7DC8:DG13DT14_BB   A 7 ? B 14 ? A 8  ? B 13 ? 
1 A DC  8 1_555 B DG  3  1_555 A DG  9  1_555 B DC  2 1_555 -0.263 -1.992 3.551 -1.310 13.155 29.860 -5.761 0.249  2.485 24.099 
2.400  32.595 8 AA_DC8DG9:DC12DG13_BB   A 8 ? B 13 ? A 9  ? B 12 ? 
1 A DG  9 1_555 B DC  2  1_555 A DC  10 1_555 B DG  1 1_555 0.190  -1.696 3.268 2.254  -0.270 34.026 -2.849 0.036  3.287 -0.462 
-3.847 34.100 9 AA_DG9DC10:DG11DC12_BB  A 9 ? B 12 ? A 10 ? B 11 ? 
# 
loop_
_pdbx_entity_nonpoly.entity_id 
_pdbx_entity_nonpoly.name 
_pdbx_entity_nonpoly.comp_id 
2 SPERMINE SPM 
3 water    HOH 
# 
_pdbx_initial_refinement_model.id               1 
_pdbx_initial_refinement_model.entity_id_list   ? 
_pdbx_initial_refinement_model.type             'experimental model' 
_pdbx_initial_refinement_model.source_name      PDB 
_pdbx_initial_refinement_model.accession_code   410D 
_pdbx_initial_refinement_model.details          'pdb entry 410D' 
# 
